data_2FFH
#
_entry.id   2FFH
#
_cell.length_a   195.050
_cell.length_b   195.050
_cell.length_c   335.720
_cell.angle_alpha   90.00
_cell.angle_beta   90.00
_cell.angle_gamma   120.00
#
_symmetry.space_group_name_H-M   'H 3 2'
#
loop_
_entity.id
_entity.type
_entity.pdbx_description
1 polymer 'PROTEIN (FFH)'
2 non-polymer 'CADMIUM ION'
3 non-polymer 'SULFATE ION'
#
_entity_poly.entity_id   1
_entity_poly.type   'polypeptide(L)'
_entity_poly.pdbx_seq_one_letter_code
;MFQQLSARLQEAIGRLRGRGRITEEDLKATLREIRRALMDADVNLEVTRDFVERVREEALGKQVLESLTPAEVILATVYE
ALKEALGGEARLPVLKDRNLWFLVGLQGSGKTTTAAKLALYYKGKGRRPLLVAADTQRPAAREQLRLLGEKVGVPVLEVM
DGESPESIRRRVEEKARLEARDLILVDTAGRLQIDEPLMGELARLKEVLGPDEVLLVLDAMTGQEALSVARAFDEKVGVT
GLVLTKLDGDARGGAALSARHVTGKPIYFAGVSEKPEGLEPFYPERLAGRILGMGDVASLAEKVRAAGLEAEAPKSAKEL
SLEDFLKQMQNLKRLGPFSEILGLLPGVPQGLKVDEKAIKRLEAIVLSMTPEERKDPRILNGSRRKRIAKGSGTSVQEVN
RFIKAFEEMKALMKSLEKKKGRGLM
;
_entity_poly.pdbx_strand_id   A,B,C
#
# COMPACT_ATOMS: atom_id res chain seq x y z
N MET A 1 -7.78 -1.53 -12.18
CA MET A 1 -6.53 -1.45 -13.05
C MET A 1 -6.75 -0.26 -13.97
N PHE A 2 -5.73 0.57 -14.18
CA PHE A 2 -5.92 1.73 -15.04
C PHE A 2 -7.29 2.36 -14.68
N GLN A 3 -7.39 2.91 -13.46
CA GLN A 3 -8.64 3.47 -12.99
C GLN A 3 -9.35 4.42 -13.94
N GLN A 4 -8.61 5.35 -14.55
CA GLN A 4 -9.24 6.28 -15.47
C GLN A 4 -9.96 5.54 -16.58
N LEU A 5 -9.18 4.86 -17.40
CA LEU A 5 -9.72 4.12 -18.52
C LEU A 5 -10.75 3.11 -18.10
N SER A 6 -10.54 2.50 -16.93
CA SER A 6 -11.45 1.49 -16.42
C SER A 6 -12.84 2.04 -16.06
N ALA A 7 -12.81 3.12 -15.30
CA ALA A 7 -14.02 3.77 -14.87
C ALA A 7 -14.81 4.19 -16.08
N ARG A 8 -14.13 4.79 -17.05
CA ARG A 8 -14.81 5.27 -18.26
C ARG A 8 -15.42 4.22 -19.23
N LEU A 9 -14.74 3.11 -19.44
CA LEU A 9 -15.29 2.08 -20.32
C LEU A 9 -16.52 1.54 -19.65
N GLN A 10 -16.47 1.51 -18.32
CA GLN A 10 -17.60 0.99 -17.56
C GLN A 10 -18.78 1.95 -17.61
N GLU A 11 -18.57 3.25 -17.43
CA GLU A 11 -19.70 4.19 -17.49
C GLU A 11 -20.43 3.94 -18.84
N ALA A 12 -19.65 3.79 -19.90
CA ALA A 12 -20.15 3.57 -21.24
C ALA A 12 -20.90 2.27 -21.40
N ILE A 13 -20.32 1.19 -20.93
CA ILE A 13 -20.97 -0.11 -21.03
C ILE A 13 -22.24 -0.10 -20.20
N GLY A 14 -22.14 0.56 -19.04
CA GLY A 14 -23.22 0.64 -18.08
C GLY A 14 -24.45 1.36 -18.52
N ARG A 15 -24.28 2.50 -19.20
CA ARG A 15 -25.42 3.28 -19.67
C ARG A 15 -26.39 2.49 -20.56
N LEU A 16 -25.90 1.39 -21.11
CA LEU A 16 -26.71 0.53 -21.96
C LEU A 16 -27.41 -0.52 -21.10
N ARG A 17 -27.06 -0.58 -19.83
CA ARG A 17 -27.67 -1.56 -18.94
C ARG A 17 -29.13 -1.28 -18.57
N GLY A 18 -29.97 -2.31 -18.73
CA GLY A 18 -31.38 -2.21 -18.39
C GLY A 18 -32.27 -1.44 -19.33
N ARG A 19 -31.72 -1.02 -20.48
CA ARG A 19 -32.48 -0.25 -21.47
C ARG A 19 -33.31 -1.08 -22.43
N GLY A 20 -32.98 -2.37 -22.54
CA GLY A 20 -33.66 -3.25 -23.48
C GLY A 20 -33.03 -2.99 -24.86
N ARG A 21 -33.65 -3.52 -25.92
CA ARG A 21 -33.15 -3.34 -27.28
C ARG A 21 -32.84 -1.85 -27.54
N ILE A 22 -31.68 -1.58 -28.12
CA ILE A 22 -31.31 -0.20 -28.39
C ILE A 22 -31.41 0.12 -29.88
N THR A 23 -31.12 1.37 -30.25
CA THR A 23 -31.20 1.78 -31.66
C THR A 23 -29.79 2.01 -32.20
N GLU A 24 -29.65 2.01 -33.52
CA GLU A 24 -28.33 2.23 -34.12
C GLU A 24 -27.72 3.55 -33.64
N GLU A 25 -28.52 4.61 -33.60
CA GLU A 25 -28.00 5.90 -33.15
C GLU A 25 -27.50 5.84 -31.70
N ASP A 26 -27.94 4.83 -30.96
CA ASP A 26 -27.51 4.66 -29.58
C ASP A 26 -26.13 4.01 -29.61
N LEU A 27 -25.99 2.98 -30.44
CA LEU A 27 -24.72 2.25 -30.61
C LEU A 27 -23.61 3.14 -31.18
N LYS A 28 -24.01 4.11 -32.02
CA LYS A 28 -23.09 5.06 -32.63
C LYS A 28 -22.50 6.00 -31.57
N ALA A 29 -23.22 6.17 -30.45
CA ALA A 29 -22.76 7.04 -29.37
C ALA A 29 -21.84 6.25 -28.45
N THR A 30 -22.24 5.03 -28.13
CA THR A 30 -21.45 4.16 -27.27
C THR A 30 -20.06 3.99 -27.86
N LEU A 31 -19.98 3.95 -29.20
CA LEU A 31 -18.70 3.81 -29.87
C LEU A 31 -17.87 5.08 -29.68
N ARG A 32 -18.49 6.25 -29.86
CA ARG A 32 -17.77 7.50 -29.65
C ARG A 32 -17.25 7.50 -28.22
N GLU A 33 -18.16 7.24 -27.27
CA GLU A 33 -17.84 7.22 -25.85
C GLU A 33 -16.60 6.41 -25.57
N ILE A 34 -16.51 5.22 -26.18
CA ILE A 34 -15.35 4.35 -26.00
C ILE A 34 -14.10 4.96 -26.61
N ARG A 35 -14.28 5.55 -27.78
CA ARG A 35 -13.18 6.17 -28.51
C ARG A 35 -12.57 7.28 -27.69
N ARG A 36 -13.42 8.01 -26.99
CA ARG A 36 -12.96 9.11 -26.14
C ARG A 36 -12.10 8.55 -25.03
N ALA A 37 -12.64 7.54 -24.34
CA ALA A 37 -11.98 6.88 -23.22
C ALA A 37 -10.55 6.48 -23.55
N LEU A 38 -10.38 5.90 -24.74
CA LEU A 38 -9.06 5.48 -25.21
C LEU A 38 -8.16 6.68 -25.52
N MET A 39 -8.70 7.66 -26.23
CA MET A 39 -7.95 8.83 -26.61
C MET A 39 -7.49 9.67 -25.43
N ASP A 40 -8.26 9.62 -24.35
CA ASP A 40 -7.90 10.38 -23.17
C ASP A 40 -6.99 9.53 -22.28
N ALA A 41 -6.90 8.24 -22.58
CA ALA A 41 -6.04 7.37 -21.80
C ALA A 41 -4.69 7.28 -22.47
N ASP A 42 -4.47 8.11 -23.48
CA ASP A 42 -3.20 8.12 -24.21
C ASP A 42 -3.01 6.88 -25.07
N VAL A 43 -4.07 6.10 -25.25
CA VAL A 43 -3.93 4.93 -26.10
C VAL A 43 -3.55 5.44 -27.47
N ASN A 44 -2.59 4.77 -28.10
CA ASN A 44 -2.15 5.12 -29.43
C ASN A 44 -3.34 5.17 -30.39
N LEU A 45 -3.19 5.92 -31.48
CA LEU A 45 -4.26 6.12 -32.44
C LEU A 45 -4.73 4.96 -33.32
N GLU A 46 -3.85 4.35 -34.11
CA GLU A 46 -4.28 3.26 -34.97
C GLU A 46 -4.76 2.15 -34.05
N VAL A 47 -4.35 2.22 -32.79
CA VAL A 47 -4.79 1.22 -31.83
C VAL A 47 -6.22 1.57 -31.41
N THR A 48 -6.43 2.83 -31.04
CA THR A 48 -7.75 3.30 -30.68
C THR A 48 -8.66 3.07 -31.88
N ARG A 49 -8.17 3.52 -33.03
CA ARG A 49 -8.87 3.41 -34.30
C ARG A 49 -9.37 1.96 -34.45
N ASP A 50 -8.42 1.04 -34.49
CA ASP A 50 -8.74 -0.37 -34.64
C ASP A 50 -9.62 -0.93 -33.51
N PHE A 51 -9.41 -0.46 -32.28
CA PHE A 51 -10.19 -0.93 -31.12
C PHE A 51 -11.67 -0.70 -31.40
N VAL A 52 -12.04 0.56 -31.65
CA VAL A 52 -13.43 0.91 -31.93
C VAL A 52 -14.03 0.10 -33.07
N GLU A 53 -13.33 0.08 -34.21
CA GLU A 53 -13.78 -0.63 -35.41
C GLU A 53 -14.00 -2.11 -35.16
N ARG A 54 -13.16 -2.70 -34.31
CA ARG A 54 -13.31 -4.11 -34.02
C ARG A 54 -14.54 -4.30 -33.13
N VAL A 55 -14.94 -3.24 -32.45
CA VAL A 55 -16.10 -3.35 -31.59
C VAL A 55 -17.33 -3.23 -32.43
N ARG A 56 -17.52 -2.11 -33.11
CA ARG A 56 -18.69 -1.94 -33.94
C ARG A 56 -18.95 -3.17 -34.81
N GLU A 57 -17.85 -3.73 -35.34
CA GLU A 57 -17.88 -4.89 -36.23
C GLU A 57 -18.40 -6.13 -35.52
N GLU A 58 -17.69 -6.56 -34.47
CA GLU A 58 -18.05 -7.75 -33.71
C GLU A 58 -19.43 -7.64 -33.03
N ALA A 59 -19.80 -6.42 -32.67
CA ALA A 59 -21.06 -6.14 -32.01
C ALA A 59 -22.24 -6.43 -32.94
N LEU A 60 -22.24 -5.78 -34.10
CA LEU A 60 -23.29 -5.99 -35.10
C LEU A 60 -23.44 -7.47 -35.44
N GLY A 61 -22.31 -8.16 -35.63
CA GLY A 61 -22.34 -9.58 -35.94
C GLY A 61 -22.83 -10.46 -34.80
N LYS A 62 -23.12 -9.82 -33.66
CA LYS A 62 -23.61 -10.53 -32.48
C LYS A 62 -25.07 -10.14 -32.26
N GLN A 63 -25.62 -9.44 -33.24
CA GLN A 63 -27.00 -8.96 -33.22
C GLN A 63 -27.24 -7.91 -32.15
N VAL A 64 -26.30 -6.97 -32.01
CA VAL A 64 -26.44 -5.92 -31.01
C VAL A 64 -27.78 -5.19 -31.12
N LEU A 65 -27.95 -4.48 -32.24
CA LEU A 65 -29.15 -3.70 -32.50
C LEU A 65 -30.47 -4.44 -32.40
N GLU A 66 -30.40 -5.74 -32.14
CA GLU A 66 -31.59 -6.56 -32.05
C GLU A 66 -31.62 -7.46 -30.81
N SER A 67 -30.59 -7.35 -29.97
CA SER A 67 -30.50 -8.16 -28.75
C SER A 67 -31.19 -7.50 -27.58
N LEU A 68 -31.65 -8.35 -26.67
CA LEU A 68 -32.38 -7.91 -25.49
C LEU A 68 -31.47 -7.40 -24.37
N THR A 69 -30.18 -7.74 -24.44
CA THR A 69 -29.20 -7.32 -23.45
C THR A 69 -28.01 -6.67 -24.16
N PRO A 70 -28.26 -5.58 -24.89
CA PRO A 70 -27.18 -4.91 -25.61
C PRO A 70 -25.94 -4.71 -24.75
N ALA A 71 -26.15 -4.30 -23.51
CA ALA A 71 -25.05 -4.05 -22.62
C ALA A 71 -24.09 -5.23 -22.56
N GLU A 72 -24.62 -6.42 -22.30
CA GLU A 72 -23.74 -7.59 -22.19
C GLU A 72 -23.01 -7.99 -23.44
N VAL A 73 -23.38 -7.37 -24.55
CA VAL A 73 -22.77 -7.63 -25.85
C VAL A 73 -21.62 -6.66 -26.03
N ILE A 74 -21.81 -5.43 -25.58
CA ILE A 74 -20.73 -4.49 -25.67
C ILE A 74 -19.63 -5.00 -24.74
N LEU A 75 -20.02 -5.46 -23.56
CA LEU A 75 -19.05 -5.98 -22.60
C LEU A 75 -18.21 -7.15 -23.12
N ALA A 76 -18.86 -8.08 -23.79
CA ALA A 76 -18.17 -9.24 -24.35
C ALA A 76 -17.23 -8.83 -25.46
N THR A 77 -17.62 -7.75 -26.12
CA THR A 77 -16.88 -7.18 -27.24
C THR A 77 -15.69 -6.34 -26.81
N VAL A 78 -15.93 -5.37 -25.94
CA VAL A 78 -14.85 -4.52 -25.45
C VAL A 78 -13.83 -5.44 -24.76
N TYR A 79 -14.30 -6.56 -24.24
CA TYR A 79 -13.38 -7.44 -23.58
C TYR A 79 -12.38 -7.93 -24.61
N GLU A 80 -12.86 -8.69 -25.58
CA GLU A 80 -11.97 -9.23 -26.61
C GLU A 80 -11.14 -8.15 -27.27
N ALA A 81 -11.67 -6.93 -27.38
CA ALA A 81 -10.93 -5.83 -27.98
C ALA A 81 -9.64 -5.65 -27.16
N LEU A 82 -9.79 -5.36 -25.87
CA LEU A 82 -8.67 -5.18 -24.93
C LEU A 82 -7.72 -6.38 -25.02
N LYS A 83 -8.29 -7.57 -25.06
CA LYS A 83 -7.47 -8.74 -25.12
C LYS A 83 -6.50 -8.61 -26.24
N GLU A 84 -7.02 -8.29 -27.43
CA GLU A 84 -6.19 -8.15 -28.65
C GLU A 84 -5.09 -7.10 -28.46
N ALA A 85 -5.50 -5.86 -28.24
CA ALA A 85 -4.51 -4.80 -28.04
C ALA A 85 -3.40 -5.22 -27.10
N LEU A 86 -3.70 -6.08 -26.12
CA LEU A 86 -2.71 -6.51 -25.14
C LEU A 86 -1.91 -7.76 -25.51
N GLY A 87 -2.08 -8.20 -26.75
CA GLY A 87 -1.33 -9.37 -27.20
C GLY A 87 -2.13 -10.64 -27.49
N GLY A 88 -3.42 -10.62 -27.15
CA GLY A 88 -4.25 -11.80 -27.39
C GLY A 88 -4.14 -12.89 -26.35
N GLU A 89 -3.18 -13.80 -26.53
CA GLU A 89 -3.00 -14.91 -25.60
C GLU A 89 -1.79 -14.72 -24.75
N ALA A 90 -1.85 -15.24 -23.53
CA ALA A 90 -0.74 -15.09 -22.61
C ALA A 90 0.46 -15.84 -23.16
N ARG A 91 1.52 -15.11 -23.44
CA ARG A 91 2.74 -15.72 -23.94
C ARG A 91 3.80 -15.75 -22.83
N LEU A 92 4.82 -16.57 -23.02
CA LEU A 92 5.88 -16.65 -22.05
C LEU A 92 7.08 -17.19 -22.79
N PRO A 93 8.25 -16.56 -22.63
CA PRO A 93 9.43 -17.05 -23.33
C PRO A 93 9.53 -18.58 -23.22
N VAL A 94 9.81 -19.22 -24.37
CA VAL A 94 9.92 -20.68 -24.42
C VAL A 94 11.27 -21.15 -23.87
N LEU A 95 11.22 -22.11 -22.94
CA LEU A 95 12.42 -22.63 -22.31
C LEU A 95 13.15 -23.74 -23.07
N LYS A 96 14.40 -23.97 -22.69
CA LYS A 96 15.23 -24.98 -23.32
C LYS A 96 16.05 -25.75 -22.28
N ASP A 97 17.12 -26.39 -22.71
CA ASP A 97 17.97 -27.13 -21.80
C ASP A 97 18.95 -26.15 -21.18
N ARG A 98 19.29 -25.11 -21.93
CA ARG A 98 20.22 -24.08 -21.47
C ARG A 98 19.60 -22.75 -21.85
N ASN A 99 19.49 -21.84 -20.88
CA ASN A 99 18.94 -20.52 -21.16
C ASN A 99 19.80 -19.40 -20.63
N LEU A 100 20.03 -18.40 -21.47
CA LEU A 100 20.81 -17.24 -21.07
C LEU A 100 20.02 -16.02 -21.51
N TRP A 101 19.49 -15.30 -20.53
CA TRP A 101 18.72 -14.13 -20.84
C TRP A 101 19.40 -12.85 -20.38
N PHE A 102 19.06 -11.78 -21.08
CA PHE A 102 19.58 -10.46 -20.80
C PHE A 102 18.44 -9.57 -20.22
N LEU A 103 18.79 -8.81 -19.19
CA LEU A 103 17.82 -7.93 -18.59
C LEU A 103 18.31 -6.51 -18.75
N VAL A 104 17.71 -5.81 -19.72
CA VAL A 104 18.07 -4.43 -20.06
C VAL A 104 17.00 -3.39 -19.74
N GLY A 105 17.45 -2.17 -19.40
CA GLY A 105 16.56 -1.07 -19.12
C GLY A 105 17.26 0.11 -18.49
N LEU A 106 16.53 1.20 -18.26
CA LEU A 106 17.11 2.38 -17.64
C LEU A 106 17.24 2.13 -16.15
N GLN A 107 18.01 2.95 -15.43
CA GLN A 107 18.14 2.78 -14.00
C GLN A 107 16.84 3.29 -13.36
N GLY A 108 16.29 2.54 -12.41
CA GLY A 108 15.06 2.95 -11.76
C GLY A 108 13.80 2.54 -12.51
N SER A 109 13.82 1.34 -13.08
CA SER A 109 12.68 0.81 -13.81
C SER A 109 12.35 -0.52 -13.14
N GLY A 110 13.13 -0.84 -12.10
CA GLY A 110 12.97 -2.06 -11.35
C GLY A 110 13.74 -3.22 -11.98
N LYS A 111 14.74 -2.89 -12.79
CA LYS A 111 15.52 -3.90 -13.48
C LYS A 111 16.16 -4.90 -12.51
N THR A 112 16.99 -4.39 -11.62
CA THR A 112 17.67 -5.23 -10.66
C THR A 112 16.73 -6.09 -9.81
N THR A 113 15.61 -5.50 -9.40
CA THR A 113 14.61 -6.17 -8.60
C THR A 113 14.05 -7.33 -9.44
N THR A 114 13.52 -6.98 -10.60
CA THR A 114 12.95 -7.94 -11.53
C THR A 114 13.90 -9.11 -11.68
N ALA A 115 15.17 -8.84 -11.92
CA ALA A 115 16.14 -9.93 -12.07
C ALA A 115 15.87 -10.95 -10.98
N ALA A 116 16.01 -10.50 -9.73
CA ALA A 116 15.80 -11.37 -8.56
C ALA A 116 14.42 -11.98 -8.54
N LYS A 117 13.37 -11.17 -8.62
CA LYS A 117 12.01 -11.71 -8.58
C LYS A 117 11.74 -12.72 -9.70
N LEU A 118 12.44 -12.55 -10.82
CA LEU A 118 12.31 -13.42 -11.98
C LEU A 118 13.06 -14.72 -11.69
N ALA A 119 14.19 -14.61 -11.00
CA ALA A 119 14.99 -15.78 -10.65
C ALA A 119 14.14 -16.63 -9.73
N LEU A 120 13.57 -15.98 -8.72
CA LEU A 120 12.73 -16.62 -7.73
C LEU A 120 11.53 -17.35 -8.32
N TYR A 121 10.89 -16.72 -9.30
CA TYR A 121 9.73 -17.31 -9.97
C TYR A 121 10.02 -18.65 -10.65
N TYR A 122 11.06 -18.66 -11.50
CA TYR A 122 11.45 -19.86 -12.22
C TYR A 122 12.03 -20.93 -11.31
N LYS A 123 12.62 -20.52 -10.19
CA LYS A 123 13.17 -21.52 -9.28
C LYS A 123 11.96 -22.30 -8.77
N GLY A 124 10.88 -21.56 -8.53
CA GLY A 124 9.65 -22.15 -8.05
C GLY A 124 8.97 -23.08 -9.05
N LYS A 125 9.56 -23.24 -10.22
CA LYS A 125 9.01 -24.13 -11.22
C LYS A 125 10.07 -25.12 -11.71
N GLY A 126 11.08 -25.33 -10.87
CA GLY A 126 12.12 -26.29 -11.20
C GLY A 126 13.50 -25.83 -11.61
N ARG A 127 13.58 -24.89 -12.54
CA ARG A 127 14.87 -24.40 -13.05
C ARG A 127 15.92 -24.15 -11.98
N ARG A 128 17.19 -24.15 -12.37
CA ARG A 128 18.27 -23.89 -11.43
C ARG A 128 18.94 -22.63 -11.96
N PRO A 129 18.40 -21.45 -11.59
CA PRO A 129 18.87 -20.12 -11.98
C PRO A 129 20.21 -19.69 -11.43
N LEU A 130 20.84 -18.78 -12.18
CA LEU A 130 22.13 -18.19 -11.87
C LEU A 130 21.94 -16.73 -12.23
N LEU A 131 22.22 -15.84 -11.30
CA LEU A 131 22.07 -14.41 -11.57
C LEU A 131 23.46 -13.86 -11.81
N VAL A 132 23.59 -12.95 -12.78
CA VAL A 132 24.89 -12.35 -13.03
C VAL A 132 24.78 -10.83 -12.95
N ALA A 133 25.62 -10.23 -12.12
CA ALA A 133 25.62 -8.78 -11.95
C ALA A 133 26.64 -8.27 -12.93
N ALA A 134 26.21 -7.91 -14.14
CA ALA A 134 27.11 -7.48 -15.20
C ALA A 134 27.51 -5.99 -15.32
N ASP A 135 27.38 -5.20 -14.26
CA ASP A 135 27.75 -3.79 -14.37
C ASP A 135 29.19 -3.66 -13.87
N THR A 136 30.10 -3.47 -14.81
CA THR A 136 31.51 -3.36 -14.50
C THR A 136 31.98 -2.01 -13.98
N GLN A 137 31.08 -1.03 -13.90
CA GLN A 137 31.45 0.28 -13.40
C GLN A 137 30.98 0.47 -11.98
N ARG A 138 29.74 0.06 -11.70
CA ARG A 138 29.18 0.23 -10.37
C ARG A 138 29.25 -0.95 -9.44
N PRO A 139 30.14 -0.87 -8.45
CA PRO A 139 30.24 -1.98 -7.51
C PRO A 139 28.96 -2.03 -6.67
N ALA A 140 28.47 -0.85 -6.28
CA ALA A 140 27.26 -0.71 -5.45
C ALA A 140 26.06 -1.34 -6.13
N ALA A 141 25.99 -1.26 -7.44
CA ALA A 141 24.89 -1.88 -8.15
C ALA A 141 24.98 -3.40 -7.97
N ARG A 142 26.15 -3.97 -8.23
CA ARG A 142 26.35 -5.42 -8.12
C ARG A 142 26.00 -5.95 -6.76
N GLU A 143 26.40 -5.23 -5.72
CA GLU A 143 26.15 -5.65 -4.35
C GLU A 143 24.67 -5.76 -4.08
N GLN A 144 23.87 -4.87 -4.68
CA GLN A 144 22.42 -4.90 -4.48
C GLN A 144 21.87 -6.23 -5.00
N LEU A 145 22.31 -6.65 -6.18
CA LEU A 145 21.82 -7.89 -6.72
C LEU A 145 22.35 -9.00 -5.87
N ARG A 146 23.54 -8.83 -5.34
CA ARG A 146 24.08 -9.91 -4.55
C ARG A 146 23.21 -10.24 -3.37
N LEU A 147 22.75 -9.22 -2.69
CA LEU A 147 21.93 -9.47 -1.54
C LEU A 147 20.54 -9.90 -1.95
N LEU A 148 20.08 -9.47 -3.12
CA LEU A 148 18.76 -9.90 -3.54
C LEU A 148 18.78 -11.40 -3.85
N GLY A 149 19.93 -11.88 -4.31
CA GLY A 149 20.03 -13.29 -4.63
C GLY A 149 20.11 -14.09 -3.35
N GLU A 150 20.75 -13.57 -2.32
CA GLU A 150 20.86 -14.28 -1.07
C GLU A 150 19.50 -14.48 -0.44
N LYS A 151 18.65 -13.49 -0.61
CA LYS A 151 17.29 -13.53 -0.07
C LYS A 151 16.37 -14.52 -0.82
N VAL A 152 16.41 -14.53 -2.15
CA VAL A 152 15.61 -15.46 -2.93
C VAL A 152 16.25 -16.85 -3.00
N GLY A 153 17.48 -17.00 -2.48
CA GLY A 153 18.15 -18.30 -2.51
C GLY A 153 18.65 -18.76 -3.88
N VAL A 154 19.30 -17.84 -4.59
CA VAL A 154 19.86 -18.10 -5.90
C VAL A 154 21.31 -17.63 -5.88
N PRO A 155 22.20 -18.28 -6.64
CA PRO A 155 23.61 -17.87 -6.66
C PRO A 155 23.78 -16.62 -7.52
N VAL A 156 24.85 -15.89 -7.27
CA VAL A 156 25.10 -14.68 -8.01
C VAL A 156 26.56 -14.52 -8.45
N LEU A 157 26.77 -14.30 -9.74
CA LEU A 157 28.12 -14.08 -10.20
C LEU A 157 28.26 -12.60 -10.45
N GLU A 158 29.17 -11.97 -9.71
CA GLU A 158 29.45 -10.53 -9.84
C GLU A 158 30.63 -10.41 -10.80
N VAL A 159 30.51 -9.59 -11.84
CA VAL A 159 31.64 -9.42 -12.75
C VAL A 159 32.67 -8.58 -11.98
N MET A 160 33.78 -8.23 -12.64
CA MET A 160 34.79 -7.46 -11.97
C MET A 160 35.01 -6.11 -12.59
N ASP A 161 35.53 -5.20 -11.79
CA ASP A 161 35.78 -3.84 -12.24
C ASP A 161 36.56 -3.87 -13.55
N GLY A 162 35.94 -3.38 -14.62
CA GLY A 162 36.62 -3.35 -15.90
C GLY A 162 36.76 -4.67 -16.65
N GLU A 163 36.09 -5.72 -16.19
CA GLU A 163 36.17 -7.01 -16.88
C GLU A 163 35.73 -6.90 -18.34
N SER A 164 36.37 -7.69 -19.19
CA SER A 164 36.09 -7.71 -20.63
C SER A 164 34.97 -8.69 -20.93
N PRO A 165 34.16 -8.41 -21.95
CA PRO A 165 33.05 -9.30 -22.31
C PRO A 165 33.45 -10.74 -22.55
N GLU A 166 34.64 -10.96 -23.08
CA GLU A 166 35.05 -12.34 -23.34
C GLU A 166 35.43 -13.04 -22.03
N SER A 167 36.03 -12.29 -21.09
CA SER A 167 36.39 -12.90 -19.81
C SER A 167 35.12 -13.36 -19.12
N ILE A 168 34.11 -12.49 -19.13
CA ILE A 168 32.82 -12.78 -18.52
C ILE A 168 32.22 -14.01 -19.17
N ARG A 169 32.18 -14.03 -20.49
CA ARG A 169 31.61 -15.16 -21.22
C ARG A 169 32.08 -16.47 -20.58
N ARG A 170 33.39 -16.59 -20.43
CA ARG A 170 34.03 -17.78 -19.86
C ARG A 170 33.51 -18.05 -18.44
N ARG A 171 33.91 -17.18 -17.50
CA ARG A 171 33.55 -17.25 -16.08
C ARG A 171 32.12 -17.68 -15.84
N VAL A 172 31.20 -17.13 -16.63
CA VAL A 172 29.77 -17.41 -16.50
C VAL A 172 29.38 -18.79 -16.94
N GLU A 173 29.66 -19.08 -18.21
CA GLU A 173 29.33 -20.38 -18.82
C GLU A 173 30.12 -21.55 -18.21
N GLU A 174 31.04 -21.21 -17.31
CA GLU A 174 31.86 -22.19 -16.60
C GLU A 174 31.18 -22.55 -15.28
N LYS A 175 30.70 -21.53 -14.57
CA LYS A 175 30.00 -21.74 -13.30
C LYS A 175 28.63 -22.38 -13.46
N ALA A 176 27.98 -22.14 -14.59
CA ALA A 176 26.65 -22.70 -14.85
C ALA A 176 26.76 -24.16 -15.28
N ARG A 177 27.90 -24.49 -15.88
CA ARG A 177 28.20 -25.85 -16.32
C ARG A 177 28.49 -26.66 -15.06
N LEU A 178 29.52 -26.25 -14.31
CA LEU A 178 29.93 -26.95 -13.07
C LEU A 178 28.82 -27.08 -12.06
N GLU A 179 28.00 -26.03 -11.91
CA GLU A 179 26.90 -26.04 -10.94
C GLU A 179 25.53 -26.42 -11.49
N ALA A 180 25.47 -26.72 -12.78
CA ALA A 180 24.22 -27.15 -13.41
C ALA A 180 23.08 -26.15 -13.31
N ARG A 181 23.29 -24.99 -13.90
CA ARG A 181 22.28 -23.94 -13.89
C ARG A 181 21.66 -23.87 -15.27
N ASP A 182 20.35 -24.05 -15.39
CA ASP A 182 19.72 -23.99 -16.70
C ASP A 182 19.06 -22.66 -17.09
N LEU A 183 19.13 -21.67 -16.19
CA LEU A 183 18.57 -20.33 -16.45
C LEU A 183 19.49 -19.24 -15.87
N ILE A 184 20.20 -18.57 -16.78
CA ILE A 184 21.14 -17.51 -16.41
C ILE A 184 20.48 -16.15 -16.63
N LEU A 185 20.31 -15.40 -15.55
CA LEU A 185 19.70 -14.09 -15.64
C LEU A 185 20.79 -13.06 -15.42
N VAL A 186 21.10 -12.34 -16.50
CA VAL A 186 22.16 -11.32 -16.51
C VAL A 186 21.54 -9.94 -16.43
N ASP A 187 21.88 -9.23 -15.36
CA ASP A 187 21.41 -7.88 -15.10
C ASP A 187 22.49 -6.98 -15.65
N THR A 188 22.27 -6.46 -16.85
CA THR A 188 23.23 -5.54 -17.50
C THR A 188 23.40 -4.26 -16.71
N ALA A 189 24.08 -3.27 -17.28
CA ALA A 189 24.24 -1.99 -16.58
C ALA A 189 23.01 -1.12 -16.84
N GLY A 190 22.77 -0.17 -15.93
CA GLY A 190 21.61 0.69 -16.08
C GLY A 190 21.86 2.10 -15.59
N ARG A 191 21.53 3.09 -16.42
CA ARG A 191 21.77 4.49 -16.05
C ARG A 191 20.51 5.31 -16.27
N LEU A 192 20.53 6.56 -15.82
CA LEU A 192 19.38 7.44 -15.95
C LEU A 192 19.12 8.08 -17.33
N GLN A 193 20.02 7.83 -18.29
CA GLN A 193 19.94 8.35 -19.68
C GLN A 193 20.51 7.35 -20.66
N ILE A 194 20.29 7.59 -21.94
CA ILE A 194 20.87 6.70 -22.93
C ILE A 194 22.20 7.30 -23.38
N ASP A 195 23.30 6.60 -23.12
CA ASP A 195 24.62 7.10 -23.57
C ASP A 195 25.28 6.08 -24.49
N GLU A 196 25.84 6.58 -25.58
CA GLU A 196 26.50 5.77 -26.60
C GLU A 196 27.53 4.77 -26.10
N PRO A 197 28.54 5.24 -25.36
CA PRO A 197 29.54 4.29 -24.87
C PRO A 197 28.94 2.99 -24.31
N LEU A 198 28.08 3.11 -23.30
CA LEU A 198 27.45 1.93 -22.67
C LEU A 198 26.56 1.15 -23.59
N MET A 199 25.71 1.85 -24.36
CA MET A 199 24.84 1.15 -25.30
C MET A 199 25.70 0.36 -26.29
N GLY A 200 26.95 0.79 -26.45
CA GLY A 200 27.89 0.12 -27.32
C GLY A 200 28.45 -1.09 -26.63
N GLU A 201 28.85 -0.93 -25.37
CA GLU A 201 29.41 -2.04 -24.57
C GLU A 201 28.37 -3.13 -24.40
N LEU A 202 27.11 -2.72 -24.25
CA LEU A 202 26.01 -3.65 -24.07
C LEU A 202 25.80 -4.42 -25.37
N ALA A 203 25.85 -3.70 -26.49
CA ALA A 203 25.68 -4.32 -27.79
C ALA A 203 26.73 -5.41 -27.97
N ARG A 204 27.96 -5.11 -27.52
CA ARG A 204 29.07 -6.04 -27.63
C ARG A 204 28.86 -7.22 -26.71
N LEU A 205 28.45 -6.97 -25.48
CA LEU A 205 28.22 -8.04 -24.53
C LEU A 205 27.24 -9.06 -25.09
N LYS A 206 26.26 -8.58 -25.84
CA LYS A 206 25.27 -9.46 -26.44
C LYS A 206 25.93 -10.31 -27.52
N GLU A 207 26.67 -9.63 -28.39
CA GLU A 207 27.43 -10.24 -29.50
C GLU A 207 28.27 -11.42 -28.94
N VAL A 208 28.98 -11.17 -27.83
CA VAL A 208 29.83 -12.15 -27.18
C VAL A 208 29.12 -13.28 -26.44
N LEU A 209 28.22 -12.91 -25.50
CA LEU A 209 27.48 -13.88 -24.66
C LEU A 209 26.38 -14.67 -25.38
N GLY A 210 25.83 -14.07 -26.45
CA GLY A 210 24.79 -14.71 -27.22
C GLY A 210 23.52 -15.02 -26.42
N PRO A 211 22.84 -14.00 -25.90
CA PRO A 211 21.63 -14.26 -25.11
C PRO A 211 20.53 -14.84 -25.97
N ASP A 212 19.75 -15.75 -25.38
CA ASP A 212 18.61 -16.40 -26.05
C ASP A 212 17.35 -15.52 -26.07
N GLU A 213 17.25 -14.62 -25.10
CA GLU A 213 16.16 -13.66 -24.95
C GLU A 213 16.72 -12.38 -24.32
N VAL A 214 16.19 -11.24 -24.73
CA VAL A 214 16.62 -9.97 -24.15
C VAL A 214 15.38 -9.20 -23.69
N LEU A 215 15.10 -9.31 -22.38
CA LEU A 215 13.94 -8.69 -21.74
C LEU A 215 14.16 -7.21 -21.40
N LEU A 216 13.31 -6.36 -21.98
CA LEU A 216 13.41 -4.93 -21.72
C LEU A 216 12.46 -4.64 -20.60
N VAL A 217 12.95 -3.97 -19.56
CA VAL A 217 12.14 -3.62 -18.41
C VAL A 217 11.74 -2.13 -18.47
N LEU A 218 10.45 -1.89 -18.56
CA LEU A 218 9.96 -0.52 -18.64
C LEU A 218 9.03 -0.15 -17.51
N ASP A 219 9.30 0.95 -16.84
CA ASP A 219 8.42 1.41 -15.79
C ASP A 219 7.13 1.96 -16.45
N ALA A 220 5.98 1.34 -16.18
CA ALA A 220 4.74 1.79 -16.80
C ALA A 220 4.30 3.16 -16.35
N MET A 221 4.80 3.63 -15.23
CA MET A 221 4.39 4.94 -14.76
C MET A 221 4.93 6.09 -15.61
N THR A 222 5.91 5.80 -16.45
CA THR A 222 6.50 6.81 -17.31
C THR A 222 5.75 7.04 -18.59
N GLY A 223 4.53 6.54 -18.69
CA GLY A 223 3.74 6.75 -19.90
C GLY A 223 4.39 6.49 -21.26
N GLN A 224 4.27 7.44 -22.19
CA GLN A 224 4.84 7.31 -23.53
C GLN A 224 6.36 7.21 -23.52
N GLU A 225 7.00 7.94 -22.62
CA GLU A 225 8.45 7.91 -22.47
C GLU A 225 8.97 6.46 -22.47
N ALA A 226 8.11 5.52 -22.08
CA ALA A 226 8.49 4.12 -22.02
C ALA A 226 8.61 3.55 -23.40
N LEU A 227 7.77 4.02 -24.31
CA LEU A 227 7.79 3.51 -25.68
C LEU A 227 8.94 4.07 -26.49
N SER A 228 9.51 5.18 -26.04
CA SER A 228 10.66 5.80 -26.71
C SER A 228 11.89 4.97 -26.31
N VAL A 229 11.98 4.68 -25.01
CA VAL A 229 13.06 3.85 -24.50
C VAL A 229 13.01 2.50 -25.18
N ALA A 230 11.84 1.97 -25.47
CA ALA A 230 11.81 0.66 -26.11
C ALA A 230 12.51 0.78 -27.42
N ARG A 231 12.26 1.92 -28.09
CA ARG A 231 12.83 2.22 -29.40
C ARG A 231 14.31 2.37 -29.33
N ALA A 232 14.79 3.07 -28.32
CA ALA A 232 16.23 3.21 -28.15
C ALA A 232 16.86 1.81 -28.06
N PHE A 233 16.44 0.98 -27.11
CA PHE A 233 17.04 -0.33 -26.99
C PHE A 233 16.87 -1.32 -28.13
N ASP A 234 15.72 -1.40 -28.80
CA ASP A 234 15.66 -2.40 -29.89
C ASP A 234 16.54 -1.89 -31.03
N GLU A 235 16.51 -0.59 -31.23
CA GLU A 235 17.29 0.05 -32.29
C GLU A 235 18.80 -0.19 -32.14
N LYS A 236 19.26 -0.34 -30.89
CA LYS A 236 20.70 -0.51 -30.63
C LYS A 236 21.19 -1.79 -29.97
N VAL A 237 20.29 -2.67 -29.54
CA VAL A 237 20.74 -3.90 -28.92
C VAL A 237 19.91 -5.06 -29.43
N GLY A 238 18.60 -4.88 -29.43
CA GLY A 238 17.73 -5.95 -29.90
C GLY A 238 16.98 -6.54 -28.74
N VAL A 239 15.76 -6.10 -28.58
CA VAL A 239 14.96 -6.58 -27.48
C VAL A 239 14.07 -7.71 -28.00
N THR A 240 13.83 -8.73 -27.17
CA THR A 240 12.98 -9.86 -27.57
C THR A 240 11.66 -9.89 -26.82
N GLY A 241 11.53 -9.03 -25.81
CA GLY A 241 10.32 -8.96 -25.00
C GLY A 241 10.28 -7.86 -23.94
N LEU A 242 9.09 -7.67 -23.39
CA LEU A 242 8.90 -6.63 -22.38
C LEU A 242 8.50 -7.09 -20.98
N VAL A 243 8.81 -6.23 -20.02
CA VAL A 243 8.46 -6.43 -18.65
C VAL A 243 8.02 -5.08 -18.14
N LEU A 244 6.71 -4.93 -17.91
CA LEU A 244 6.12 -3.68 -17.45
C LEU A 244 5.96 -3.61 -15.95
N THR A 245 6.74 -2.77 -15.31
CA THR A 245 6.67 -2.64 -13.86
C THR A 245 5.83 -1.48 -13.37
N LYS A 246 5.71 -1.37 -12.05
CA LYS A 246 4.97 -0.31 -11.41
C LYS A 246 3.70 -0.14 -12.19
N LEU A 247 3.17 -1.25 -12.68
CA LEU A 247 1.95 -1.26 -13.47
C LEU A 247 0.73 -0.90 -12.65
N ASP A 248 0.85 -0.87 -11.34
CA ASP A 248 -0.29 -0.53 -10.51
C ASP A 248 -0.29 0.97 -10.21
N GLY A 249 0.65 1.70 -10.81
CA GLY A 249 0.74 3.12 -10.58
C GLY A 249 0.43 3.92 -11.82
N ASP A 250 0.01 3.21 -12.88
CA ASP A 250 -0.34 3.86 -14.13
C ASP A 250 -1.83 4.09 -14.05
N ALA A 251 -2.30 5.27 -14.41
CA ALA A 251 -3.73 5.56 -14.36
C ALA A 251 -4.35 5.50 -15.75
N ARG A 252 -3.50 5.67 -16.76
CA ARG A 252 -3.88 5.67 -18.17
C ARG A 252 -3.86 4.28 -18.78
N GLY A 253 -2.66 3.73 -18.97
CA GLY A 253 -2.51 2.41 -19.56
C GLY A 253 -2.20 2.56 -21.04
N GLY A 254 -2.13 3.81 -21.51
CA GLY A 254 -1.89 4.07 -22.92
C GLY A 254 -0.64 3.38 -23.42
N ALA A 255 0.34 3.28 -22.54
CA ALA A 255 1.59 2.64 -22.89
C ALA A 255 1.40 1.13 -23.04
N ALA A 256 0.83 0.50 -22.01
CA ALA A 256 0.60 -0.94 -22.04
C ALA A 256 -0.38 -1.33 -23.15
N LEU A 257 -1.40 -0.52 -23.39
CA LEU A 257 -2.33 -0.86 -24.45
C LEU A 257 -1.71 -0.72 -25.84
N SER A 258 -0.69 0.13 -25.98
CA SER A 258 -0.04 0.33 -27.27
C SER A 258 1.27 -0.43 -27.46
N ALA A 259 1.88 -0.87 -26.37
CA ALA A 259 3.16 -1.56 -26.46
C ALA A 259 3.27 -2.60 -27.57
N ARG A 260 2.27 -3.47 -27.72
CA ARG A 260 2.35 -4.51 -28.77
C ARG A 260 2.46 -3.99 -30.21
N HIS A 261 1.60 -3.04 -30.59
CA HIS A 261 1.57 -2.45 -31.93
C HIS A 261 2.80 -1.59 -32.20
N VAL A 262 3.07 -0.66 -31.30
CA VAL A 262 4.21 0.26 -31.41
C VAL A 262 5.59 -0.37 -31.41
N THR A 263 5.86 -1.28 -30.49
CA THR A 263 7.18 -1.90 -30.43
C THR A 263 7.25 -3.22 -31.20
N GLY A 264 6.16 -3.98 -31.23
CA GLY A 264 6.14 -5.24 -31.94
C GLY A 264 6.54 -6.41 -31.06
N LYS A 265 7.20 -6.12 -29.93
CA LYS A 265 7.64 -7.17 -29.02
C LYS A 265 6.50 -7.48 -28.03
N PRO A 266 6.46 -8.72 -27.49
CA PRO A 266 5.39 -9.09 -26.54
C PRO A 266 5.66 -8.68 -25.09
N ILE A 267 4.67 -8.90 -24.22
CA ILE A 267 4.86 -8.59 -22.82
C ILE A 267 4.92 -9.93 -22.10
N TYR A 268 6.01 -10.19 -21.41
CA TYR A 268 6.14 -11.47 -20.76
C TYR A 268 5.72 -11.48 -19.32
N PHE A 269 6.22 -10.52 -18.57
CA PHE A 269 5.86 -10.45 -17.18
C PHE A 269 5.47 -9.02 -16.95
N ALA A 270 4.63 -8.80 -15.93
CA ALA A 270 4.17 -7.48 -15.56
C ALA A 270 4.06 -7.43 -14.05
N GLY A 271 4.56 -6.35 -13.46
CA GLY A 271 4.48 -6.20 -12.02
C GLY A 271 3.14 -5.60 -11.63
N VAL A 272 2.47 -6.20 -10.65
CA VAL A 272 1.19 -5.71 -10.25
C VAL A 272 1.18 -5.34 -8.78
N SER A 273 2.37 -5.32 -8.19
CA SER A 273 2.52 -4.96 -6.79
C SER A 273 3.98 -5.00 -6.46
N GLU A 274 4.33 -4.54 -5.26
CA GLU A 274 5.72 -4.50 -4.86
C GLU A 274 6.08 -5.75 -4.05
N LYS A 275 5.16 -6.69 -3.98
CA LYS A 275 5.41 -7.94 -3.27
C LYS A 275 6.20 -8.80 -4.24
N PRO A 276 7.06 -9.70 -3.71
CA PRO A 276 7.85 -10.54 -4.61
C PRO A 276 6.96 -11.32 -5.60
N GLU A 277 5.85 -11.86 -5.11
CA GLU A 277 4.93 -12.61 -5.95
C GLU A 277 4.25 -11.62 -6.88
N GLY A 278 4.60 -10.35 -6.73
CA GLY A 278 3.99 -9.32 -7.54
C GLY A 278 4.37 -9.29 -9.01
N LEU A 279 5.42 -10.02 -9.37
CA LEU A 279 5.83 -10.08 -10.76
C LEU A 279 5.24 -11.34 -11.33
N GLU A 280 4.05 -11.23 -11.87
CA GLU A 280 3.40 -12.41 -12.42
C GLU A 280 3.42 -12.38 -13.96
N PRO A 281 3.39 -13.57 -14.61
CA PRO A 281 3.40 -13.70 -16.06
C PRO A 281 2.23 -12.95 -16.61
N PHE A 282 2.46 -12.05 -17.56
CA PHE A 282 1.37 -11.24 -18.11
C PHE A 282 0.26 -11.96 -18.83
N TYR A 283 -0.99 -11.73 -18.44
CA TYR A 283 -2.15 -12.34 -19.12
C TYR A 283 -3.10 -11.26 -19.62
N PRO A 284 -3.26 -11.15 -20.94
CA PRO A 284 -4.15 -10.14 -21.54
C PRO A 284 -5.58 -10.27 -21.06
N GLU A 285 -6.06 -11.50 -20.98
CA GLU A 285 -7.40 -11.83 -20.51
C GLU A 285 -7.63 -11.27 -19.12
N ARG A 286 -6.67 -11.46 -18.20
CA ARG A 286 -6.85 -10.94 -16.87
C ARG A 286 -6.95 -9.43 -16.90
N LEU A 287 -5.92 -8.77 -17.45
CA LEU A 287 -5.88 -7.31 -17.51
C LEU A 287 -7.13 -6.77 -18.21
N ALA A 288 -7.60 -7.51 -19.21
CA ALA A 288 -8.79 -7.12 -19.94
C ALA A 288 -9.94 -7.10 -18.96
N GLY A 289 -10.20 -8.25 -18.34
CA GLY A 289 -11.29 -8.30 -17.37
C GLY A 289 -11.15 -7.19 -16.34
N ARG A 290 -10.03 -7.14 -15.64
CA ARG A 290 -9.87 -6.11 -14.65
C ARG A 290 -10.23 -4.71 -15.15
N ILE A 291 -9.76 -4.36 -16.33
CA ILE A 291 -10.08 -3.04 -16.83
C ILE A 291 -11.59 -2.87 -16.87
N LEU A 292 -12.30 -3.94 -17.19
CA LEU A 292 -13.76 -3.85 -17.27
C LEU A 292 -14.46 -4.20 -15.97
N GLY A 293 -13.70 -4.40 -14.91
CA GLY A 293 -14.33 -4.65 -13.64
C GLY A 293 -14.57 -6.06 -13.14
N MET A 294 -14.06 -7.07 -13.82
CA MET A 294 -14.29 -8.45 -13.38
C MET A 294 -13.08 -9.09 -12.76
N GLY A 295 -13.24 -9.65 -11.56
CA GLY A 295 -12.14 -10.32 -10.87
C GLY A 295 -10.98 -9.43 -10.50
N ASP A 296 -11.18 -8.12 -10.47
CA ASP A 296 -10.14 -7.13 -10.14
C ASP A 296 -9.97 -7.07 -8.62
N VAL A 297 -8.84 -6.50 -8.19
CA VAL A 297 -8.52 -6.33 -6.78
C VAL A 297 -8.14 -4.86 -6.64
N ALA A 298 -8.73 -4.19 -5.67
CA ALA A 298 -8.42 -2.78 -5.49
C ALA A 298 -6.94 -2.61 -5.15
N SER A 299 -6.37 -1.54 -5.69
CA SER A 299 -4.97 -1.26 -5.45
C SER A 299 -4.90 -0.10 -4.49
N LEU A 300 -3.83 -0.10 -3.70
CA LEU A 300 -3.53 0.95 -2.73
C LEU A 300 -4.13 2.31 -3.15
N ALA A 301 -3.89 2.71 -4.39
CA ALA A 301 -4.43 3.96 -4.89
C ALA A 301 -5.94 3.84 -5.11
N GLU A 302 -6.35 2.85 -5.91
CA GLU A 302 -7.76 2.62 -6.19
C GLU A 302 -8.59 2.70 -4.90
N LYS A 303 -7.96 2.38 -3.76
CA LYS A 303 -8.62 2.44 -2.44
C LYS A 303 -8.62 3.86 -1.90
N VAL A 304 -7.45 4.48 -1.88
CA VAL A 304 -7.37 5.83 -1.38
C VAL A 304 -8.23 6.72 -2.24
N ARG A 305 -8.45 6.30 -3.49
CA ARG A 305 -9.28 7.07 -4.43
C ARG A 305 -10.80 6.89 -4.29
N ALA A 306 -11.23 5.77 -3.69
CA ALA A 306 -12.64 5.48 -3.49
C ALA A 306 -13.12 5.97 -2.12
N ALA A 307 -12.18 6.50 -1.33
CA ALA A 307 -12.47 7.05 -0.01
C ALA A 307 -11.79 8.39 0.08
N GLU A 319 6.74 27.99 -13.87
CA GLU A 319 8.00 27.66 -14.62
C GLU A 319 7.82 26.30 -15.31
N LEU A 320 8.50 26.11 -16.45
CA LEU A 320 8.40 24.86 -17.23
C LEU A 320 9.60 23.90 -17.12
N SER A 321 9.55 22.85 -17.93
CA SER A 321 10.61 21.83 -17.99
C SER A 321 10.67 21.18 -19.38
N LEU A 322 11.89 20.94 -19.85
CA LEU A 322 12.07 20.38 -21.17
C LEU A 322 11.11 19.21 -21.33
N GLU A 323 11.09 18.35 -20.30
CA GLU A 323 10.21 17.19 -20.30
C GLU A 323 8.78 17.60 -20.66
N ASP A 324 8.34 18.71 -20.07
CA ASP A 324 7.00 19.24 -20.28
C ASP A 324 6.82 19.76 -21.69
N PHE A 325 7.81 20.53 -22.14
CA PHE A 325 7.75 21.10 -23.48
C PHE A 325 7.50 20.00 -24.51
N LEU A 326 8.40 19.02 -24.55
CA LEU A 326 8.29 17.89 -25.46
C LEU A 326 6.88 17.31 -25.42
N LYS A 327 6.40 17.08 -24.20
CA LYS A 327 5.08 16.49 -23.99
C LYS A 327 3.95 17.33 -24.59
N GLN A 328 3.99 18.65 -24.39
CA GLN A 328 2.96 19.50 -24.95
C GLN A 328 2.90 19.39 -26.46
N MET A 329 4.06 19.19 -27.10
CA MET A 329 4.10 19.05 -28.55
C MET A 329 3.46 17.71 -28.90
N GLN A 330 3.76 16.72 -28.08
CA GLN A 330 3.22 15.39 -28.28
C GLN A 330 1.71 15.45 -28.21
N ASN A 331 1.20 16.12 -27.18
CA ASN A 331 -0.25 16.27 -26.97
C ASN A 331 -0.93 17.09 -28.08
N LEU A 332 -0.20 18.03 -28.67
CA LEU A 332 -0.74 18.85 -29.74
C LEU A 332 -0.87 17.98 -30.99
N LYS A 333 0.23 17.36 -31.41
CA LYS A 333 0.19 16.51 -32.59
C LYS A 333 -1.04 15.59 -32.54
N ARG A 334 -1.28 15.02 -31.36
CA ARG A 334 -2.38 14.08 -31.13
C ARG A 334 -3.79 14.66 -31.27
N LEU A 335 -3.94 15.97 -31.05
CA LEU A 335 -5.25 16.62 -31.16
C LEU A 335 -5.58 16.97 -32.62
N GLY A 336 -4.87 16.31 -33.52
CA GLY A 336 -5.07 16.52 -34.94
C GLY A 336 -4.67 17.92 -35.38
N PRO A 337 -4.80 18.22 -36.68
CA PRO A 337 -4.46 19.54 -37.23
C PRO A 337 -5.48 20.62 -36.85
N PHE A 338 -5.01 21.87 -36.76
CA PHE A 338 -5.87 23.00 -36.40
C PHE A 338 -6.23 23.88 -37.61
N SER A 339 -6.81 23.24 -38.61
CA SER A 339 -7.22 23.88 -39.85
C SER A 339 -7.94 25.23 -39.64
N GLU A 340 -8.84 25.26 -38.66
CA GLU A 340 -9.64 26.43 -38.34
C GLU A 340 -8.83 27.57 -37.72
N ILE A 341 -7.96 27.25 -36.77
CA ILE A 341 -7.15 28.28 -36.13
C ILE A 341 -6.20 28.83 -37.18
N LEU A 342 -5.86 27.99 -38.14
CA LEU A 342 -4.96 28.38 -39.21
C LEU A 342 -5.76 29.08 -40.30
N GLY A 343 -7.09 29.03 -40.17
CA GLY A 343 -7.98 29.66 -41.13
C GLY A 343 -7.91 31.17 -41.04
N LEU A 344 -7.40 31.67 -39.91
CA LEU A 344 -7.25 33.12 -39.69
C LEU A 344 -5.94 33.60 -40.31
N LEU A 345 -4.85 32.92 -39.95
CA LEU A 345 -3.52 33.24 -40.45
C LEU A 345 -3.35 32.72 -41.88
N PRO A 346 -3.03 33.62 -42.84
CA PRO A 346 -2.84 33.17 -44.23
C PRO A 346 -1.63 32.23 -44.41
N GLY A 347 -1.08 31.74 -43.29
CA GLY A 347 0.04 30.82 -43.35
C GLY A 347 -0.39 29.51 -44.01
N VAL A 348 0.52 28.89 -44.76
CA VAL A 348 0.24 27.66 -45.49
C VAL A 348 -0.50 26.59 -44.65
N PRO A 349 -1.55 25.98 -45.24
CA PRO A 349 -2.32 24.95 -44.54
C PRO A 349 -1.48 23.68 -44.33
N GLN A 350 -1.78 22.94 -43.27
CA GLN A 350 -1.05 21.70 -42.98
C GLN A 350 0.34 21.97 -42.37
N GLY A 351 0.41 22.79 -41.32
CA GLY A 351 1.68 23.07 -40.65
C GLY A 351 2.35 21.80 -40.13
N LEU A 352 2.20 20.73 -40.92
CA LEU A 352 2.71 19.40 -40.65
C LEU A 352 4.22 19.25 -40.87
N LYS A 353 4.99 20.28 -40.47
CA LYS A 353 6.45 20.23 -40.56
C LYS A 353 6.75 19.26 -39.41
N VAL A 354 5.76 19.17 -38.52
CA VAL A 354 5.78 18.31 -37.35
C VAL A 354 5.28 16.91 -37.72
N ASP A 355 6.03 16.22 -38.59
CA ASP A 355 5.66 14.86 -38.97
C ASP A 355 6.20 13.94 -37.90
N GLU A 356 5.43 12.91 -37.56
CA GLU A 356 5.82 11.96 -36.52
C GLU A 356 7.32 11.78 -36.38
N LYS A 357 8.00 11.53 -37.50
CA LYS A 357 9.45 11.31 -37.49
C LYS A 357 10.30 12.48 -36.99
N ALA A 358 9.75 13.69 -37.06
CA ALA A 358 10.47 14.89 -36.62
C ALA A 358 10.42 15.07 -35.10
N ILE A 359 9.40 14.49 -34.48
CA ILE A 359 9.27 14.60 -33.03
C ILE A 359 10.15 13.56 -32.36
N LYS A 360 10.25 12.37 -32.98
CA LYS A 360 11.08 11.28 -32.46
C LYS A 360 12.54 11.69 -32.37
N ARG A 361 12.94 12.62 -33.22
CA ARG A 361 14.30 13.12 -33.19
C ARG A 361 14.45 13.85 -31.86
N LEU A 362 13.39 14.53 -31.43
CA LEU A 362 13.40 15.27 -30.18
C LEU A 362 13.21 14.36 -28.98
N GLU A 363 12.29 13.39 -29.14
CA GLU A 363 12.00 12.40 -28.12
C GLU A 363 13.35 11.75 -27.76
N ALA A 364 14.23 11.62 -28.77
CA ALA A 364 15.54 10.99 -28.58
C ALA A 364 16.57 11.93 -27.96
N ILE A 365 16.54 13.18 -28.40
CA ILE A 365 17.48 14.14 -27.88
C ILE A 365 17.36 14.18 -26.38
N VAL A 366 16.11 14.14 -25.88
CA VAL A 366 15.86 14.23 -24.43
C VAL A 366 16.33 12.99 -23.69
N LEU A 367 16.12 11.86 -24.34
CA LEU A 367 16.50 10.61 -23.74
C LEU A 367 18.01 10.52 -23.45
N SER A 368 18.84 11.15 -24.30
CA SER A 368 20.29 11.10 -24.08
C SER A 368 20.79 12.22 -23.17
N MET A 369 19.86 13.06 -22.71
CA MET A 369 20.20 14.16 -21.83
C MET A 369 20.19 13.75 -20.38
N THR A 370 21.12 14.29 -19.62
CA THR A 370 21.24 14.01 -18.22
C THR A 370 19.99 14.49 -17.53
N PRO A 371 19.56 13.80 -16.46
CA PRO A 371 18.33 14.23 -15.77
C PRO A 371 18.42 15.72 -15.35
N GLU A 372 19.53 16.13 -14.77
CA GLU A 372 19.70 17.53 -14.35
C GLU A 372 19.68 18.52 -15.52
N GLU A 373 20.14 18.08 -16.68
CA GLU A 373 20.18 18.95 -17.84
C GLU A 373 18.77 19.21 -18.33
N ARG A 374 17.85 18.28 -18.07
CA ARG A 374 16.46 18.45 -18.49
C ARG A 374 15.77 19.46 -17.54
N LYS A 375 16.23 19.53 -16.30
CA LYS A 375 15.64 20.45 -15.33
C LYS A 375 16.03 21.87 -15.66
N ASP A 376 17.19 22.05 -16.28
CA ASP A 376 17.69 23.39 -16.61
C ASP A 376 18.66 23.37 -17.78
N PRO A 377 18.16 23.18 -19.00
CA PRO A 377 19.01 23.14 -20.20
C PRO A 377 20.00 24.29 -20.32
N ARG A 378 19.81 25.31 -19.50
CA ARG A 378 20.69 26.48 -19.53
C ARG A 378 22.13 26.06 -19.27
N ILE A 379 22.31 25.27 -18.21
CA ILE A 379 23.62 24.78 -17.80
C ILE A 379 24.39 24.16 -18.96
N LEU A 380 23.65 23.82 -20.02
CA LEU A 380 24.25 23.20 -21.19
C LEU A 380 25.39 24.01 -21.75
N ASN A 381 26.51 23.33 -21.98
CA ASN A 381 27.71 23.93 -22.56
C ASN A 381 27.89 23.29 -23.94
N GLY A 382 28.96 23.65 -24.63
CA GLY A 382 29.17 23.10 -25.95
C GLY A 382 29.58 21.65 -25.97
N SER A 383 30.44 21.28 -25.02
CA SER A 383 30.96 19.91 -24.94
C SER A 383 29.83 18.91 -24.67
N ARG A 384 28.75 19.41 -24.10
CA ARG A 384 27.57 18.61 -23.79
C ARG A 384 26.76 18.34 -25.05
N ARG A 385 26.34 19.42 -25.70
CA ARG A 385 25.52 19.29 -26.91
C ARG A 385 26.21 18.31 -27.84
N LYS A 386 27.53 18.41 -27.89
CA LYS A 386 28.31 17.54 -28.73
C LYS A 386 27.94 16.12 -28.33
N ARG A 387 28.05 15.85 -27.02
CA ARG A 387 27.75 14.54 -26.44
C ARG A 387 26.31 14.12 -26.73
N ILE A 388 25.37 14.96 -26.29
CA ILE A 388 23.96 14.69 -26.50
C ILE A 388 23.66 14.32 -27.95
N ALA A 389 24.16 15.15 -28.86
CA ALA A 389 23.94 14.98 -30.30
C ALA A 389 24.46 13.64 -30.81
N LYS A 390 25.49 13.13 -30.15
CA LYS A 390 26.08 11.85 -30.54
C LYS A 390 25.20 10.70 -30.06
N GLY A 391 24.88 10.71 -28.77
CA GLY A 391 24.04 9.67 -28.18
C GLY A 391 22.71 9.49 -28.88
N SER A 392 22.05 10.61 -29.18
CA SER A 392 20.74 10.61 -29.82
C SER A 392 20.67 10.23 -31.30
N GLY A 393 21.58 10.76 -32.10
CA GLY A 393 21.58 10.47 -33.53
C GLY A 393 21.11 11.69 -34.32
N THR A 394 21.53 12.85 -33.83
CA THR A 394 21.18 14.13 -34.41
C THR A 394 22.43 15.01 -34.49
N SER A 395 22.25 16.24 -34.99
CA SER A 395 23.35 17.18 -35.12
C SER A 395 23.40 18.19 -33.97
N VAL A 396 24.61 18.62 -33.61
CA VAL A 396 24.78 19.59 -32.53
C VAL A 396 23.80 20.74 -32.76
N GLN A 397 23.40 20.93 -34.02
CA GLN A 397 22.46 21.99 -34.37
C GLN A 397 21.05 21.70 -33.90
N GLU A 398 20.48 20.59 -34.37
CA GLU A 398 19.12 20.20 -33.99
C GLU A 398 18.92 20.34 -32.50
N VAL A 399 19.94 19.90 -31.76
CA VAL A 399 19.93 19.97 -30.31
C VAL A 399 19.83 21.40 -29.83
N ASN A 400 20.84 22.21 -30.18
CA ASN A 400 20.87 23.63 -29.79
C ASN A 400 19.58 24.34 -30.23
N ARG A 401 19.11 24.02 -31.42
CA ARG A 401 17.89 24.61 -31.94
C ARG A 401 16.75 24.22 -31.01
N PHE A 402 16.50 22.91 -30.92
CA PHE A 402 15.46 22.37 -30.06
C PHE A 402 15.43 23.08 -28.71
N ILE A 403 16.61 23.25 -28.11
CA ILE A 403 16.71 23.91 -26.82
C ILE A 403 16.20 25.34 -26.84
N LYS A 404 16.61 26.10 -27.85
CA LYS A 404 16.22 27.50 -27.96
C LYS A 404 14.71 27.60 -28.08
N ALA A 405 14.12 26.70 -28.85
CA ALA A 405 12.70 26.65 -29.04
C ALA A 405 12.06 26.55 -27.66
N PHE A 406 12.69 25.76 -26.80
CA PHE A 406 12.20 25.59 -25.46
C PHE A 406 12.36 26.92 -24.72
N GLU A 407 13.60 27.32 -24.50
CA GLU A 407 13.90 28.55 -23.77
C GLU A 407 12.91 29.69 -24.12
N GLU A 408 12.63 29.87 -25.40
CA GLU A 408 11.70 30.91 -25.84
C GLU A 408 10.29 30.62 -25.37
N MET A 409 9.81 29.39 -25.58
CA MET A 409 8.46 29.05 -25.15
C MET A 409 8.36 29.17 -23.64
N LYS A 410 9.47 28.93 -22.95
CA LYS A 410 9.48 29.02 -21.51
C LYS A 410 9.24 30.47 -21.10
N ALA A 411 9.93 31.39 -21.75
CA ALA A 411 9.80 32.82 -21.44
C ALA A 411 8.38 33.34 -21.83
N LEU A 412 7.87 32.89 -22.98
CA LEU A 412 6.53 33.28 -23.44
C LEU A 412 5.51 32.75 -22.44
N MET A 413 5.63 31.44 -22.16
CA MET A 413 4.74 30.76 -21.23
C MET A 413 4.76 31.53 -19.92
N LYS A 414 5.96 31.97 -19.53
CA LYS A 414 6.15 32.70 -18.28
C LYS A 414 5.57 34.11 -18.30
N SER A 415 5.85 34.84 -19.37
CA SER A 415 5.35 36.22 -19.52
C SER A 415 3.83 36.23 -19.45
N LEU A 416 3.20 35.44 -20.31
CA LEU A 416 1.75 35.39 -20.33
C LEU A 416 1.11 35.01 -18.99
N GLU A 417 1.88 35.04 -17.92
CA GLU A 417 1.33 34.72 -16.61
C GLU A 417 1.14 36.02 -15.84
N LYS A 418 2.20 36.81 -15.75
CA LYS A 418 2.20 38.11 -15.05
C LYS A 418 1.14 39.07 -15.61
N MET B 1 13.00 5.05 -0.48
CA MET B 1 13.55 5.23 0.91
C MET B 1 13.99 6.68 1.23
N PHE B 2 13.53 7.20 2.37
CA PHE B 2 13.87 8.56 2.82
C PHE B 2 13.82 9.54 1.65
N GLN B 3 12.66 9.66 1.01
CA GLN B 3 12.52 10.50 -0.18
C GLN B 3 13.21 11.85 -0.16
N GLN B 4 13.13 12.57 0.95
CA GLN B 4 13.79 13.87 1.00
C GLN B 4 15.28 13.68 0.80
N LEU B 5 15.94 13.20 1.84
CA LEU B 5 17.38 12.97 1.80
C LEU B 5 17.79 12.27 0.51
N SER B 6 17.02 11.29 0.11
CA SER B 6 17.32 10.54 -1.09
C SER B 6 17.29 11.44 -2.32
N ALA B 7 16.23 12.20 -2.46
CA ALA B 7 16.10 13.09 -3.61
C ALA B 7 17.26 14.06 -3.70
N ARG B 8 17.70 14.55 -2.54
CA ARG B 8 18.79 15.52 -2.49
C ARG B 8 20.20 14.96 -2.76
N LEU B 9 20.59 13.89 -2.07
CA LEU B 9 21.92 13.36 -2.33
C LEU B 9 22.04 13.07 -3.80
N GLN B 10 20.95 12.73 -4.44
CA GLN B 10 21.00 12.47 -5.86
C GLN B 10 21.11 13.74 -6.69
N GLU B 11 20.35 14.79 -6.36
CA GLU B 11 20.42 16.06 -7.12
C GLU B 11 21.90 16.46 -7.11
N ALA B 12 22.53 16.32 -5.94
CA ALA B 12 23.94 16.62 -5.75
C ALA B 12 24.86 15.79 -6.67
N ILE B 13 24.82 14.48 -6.52
CA ILE B 13 25.67 13.64 -7.33
C ILE B 13 25.37 13.91 -8.78
N GLY B 14 24.11 14.21 -9.05
CA GLY B 14 23.68 14.41 -10.42
C GLY B 14 24.20 15.60 -11.17
N ARG B 15 24.43 16.69 -10.46
CA ARG B 15 24.91 17.90 -11.09
C ARG B 15 26.30 17.67 -11.65
N LEU B 16 27.04 16.72 -11.09
CA LEU B 16 28.39 16.41 -11.55
C LEU B 16 28.37 15.51 -12.75
N ARG B 17 27.21 15.05 -13.15
CA ARG B 17 27.13 14.14 -14.29
C ARG B 17 27.19 14.80 -15.66
N GLY B 18 28.09 14.29 -16.50
CA GLY B 18 28.26 14.80 -17.85
C GLY B 18 29.21 15.98 -18.01
N ARG B 19 29.72 16.49 -16.89
CA ARG B 19 30.63 17.64 -16.87
C ARG B 19 32.10 17.34 -17.21
N GLY B 20 32.48 16.07 -17.25
CA GLY B 20 33.88 15.76 -17.50
C GLY B 20 34.69 16.15 -16.27
N ARG B 21 36.00 16.22 -16.40
CA ARG B 21 36.88 16.57 -15.27
C ARG B 21 36.30 17.79 -14.50
N ILE B 22 36.36 17.80 -13.17
CA ILE B 22 35.84 18.95 -12.41
C ILE B 22 36.95 19.65 -11.61
N THR B 23 36.64 20.83 -11.08
CA THR B 23 37.63 21.59 -10.30
C THR B 23 37.44 21.44 -8.79
N GLU B 24 38.49 21.73 -8.02
CA GLU B 24 38.42 21.62 -6.57
C GLU B 24 37.30 22.49 -6.07
N GLU B 25 37.10 23.64 -6.70
CA GLU B 25 36.03 24.54 -6.28
C GLU B 25 34.66 23.96 -6.56
N ASP B 26 34.60 22.99 -7.47
CA ASP B 26 33.32 22.35 -7.76
C ASP B 26 33.10 21.34 -6.63
N LEU B 27 34.11 20.50 -6.40
CA LEU B 27 34.05 19.49 -5.37
C LEU B 27 33.79 20.05 -4.00
N LYS B 28 34.17 21.30 -3.77
CA LYS B 28 33.97 21.93 -2.47
C LYS B 28 32.50 22.23 -2.29
N ALA B 29 31.82 22.47 -3.41
CA ALA B 29 30.40 22.79 -3.40
C ALA B 29 29.60 21.53 -3.16
N THR B 30 29.88 20.50 -3.96
CA THR B 30 29.20 19.22 -3.83
C THR B 30 29.26 18.75 -2.38
N LEU B 31 30.35 19.07 -1.68
CA LEU B 31 30.48 18.68 -0.28
C LEU B 31 29.49 19.46 0.55
N ARG B 32 29.39 20.76 0.30
CA ARG B 32 28.44 21.57 1.05
C ARG B 32 27.03 21.04 0.84
N GLU B 33 26.66 20.86 -0.43
CA GLU B 33 25.35 20.35 -0.81
C GLU B 33 24.99 19.10 -0.03
N ILE B 34 25.94 18.17 0.08
CA ILE B 34 25.75 16.93 0.81
C ILE B 34 25.55 17.23 2.30
N ARG B 35 26.38 18.10 2.84
CA ARG B 35 26.24 18.46 4.24
C ARG B 35 24.88 19.05 4.49
N ARG B 36 24.38 19.83 3.55
CA ARG B 36 23.07 20.44 3.76
C ARG B 36 22.05 19.32 3.83
N ALA B 37 22.08 18.47 2.80
CA ALA B 37 21.14 17.37 2.68
C ALA B 37 20.99 16.62 3.98
N LEU B 38 22.10 16.20 4.56
CA LEU B 38 22.05 15.49 5.82
C LEU B 38 21.42 16.32 6.91
N MET B 39 21.86 17.57 7.05
CA MET B 39 21.37 18.48 8.08
C MET B 39 19.90 18.83 8.04
N ASP B 40 19.31 18.84 6.85
CA ASP B 40 17.88 19.12 6.72
C ASP B 40 17.11 17.78 6.88
N ALA B 41 17.85 16.67 6.95
CA ALA B 41 17.27 15.35 7.10
C ALA B 41 17.31 14.96 8.56
N ASP B 42 17.75 15.87 9.39
CA ASP B 42 17.86 15.63 10.82
C ASP B 42 18.98 14.67 11.23
N VAL B 43 19.88 14.32 10.30
CA VAL B 43 20.99 13.45 10.64
C VAL B 43 21.74 14.15 11.77
N ASN B 44 22.27 13.37 12.70
CA ASN B 44 23.01 13.90 13.84
C ASN B 44 24.14 14.78 13.35
N LEU B 45 24.82 15.48 14.25
CA LEU B 45 25.93 16.34 13.84
C LEU B 45 27.28 15.64 13.64
N GLU B 46 27.88 15.00 14.66
CA GLU B 46 29.19 14.33 14.42
C GLU B 46 28.97 13.27 13.35
N VAL B 47 27.71 12.92 13.10
CA VAL B 47 27.45 11.94 12.05
C VAL B 47 27.57 12.66 10.72
N THR B 48 26.96 13.83 10.59
CA THR B 48 27.06 14.57 9.34
C THR B 48 28.51 14.95 9.12
N ARG B 49 29.07 15.56 10.16
CA ARG B 49 30.45 15.99 10.16
C ARG B 49 31.27 14.86 9.53
N ASP B 50 31.33 13.72 10.21
CA ASP B 50 32.11 12.60 9.70
C ASP B 50 31.70 12.09 8.33
N PHE B 51 30.43 12.25 7.97
CA PHE B 51 29.96 11.78 6.67
C PHE B 51 30.68 12.56 5.59
N VAL B 52 30.62 13.88 5.69
CA VAL B 52 31.25 14.76 4.72
C VAL B 52 32.75 14.53 4.64
N GLU B 53 33.40 14.52 5.81
CA GLU B 53 34.84 14.33 5.85
C GLU B 53 35.28 13.00 5.26
N ARG B 54 34.51 11.95 5.50
CA ARG B 54 34.88 10.68 4.93
C ARG B 54 34.70 10.72 3.41
N VAL B 55 33.81 11.59 2.92
CA VAL B 55 33.59 11.68 1.49
C VAL B 55 34.73 12.40 0.83
N ARG B 56 35.03 13.61 1.29
CA ARG B 56 36.14 14.39 0.70
C ARG B 56 37.41 13.53 0.70
N GLU B 57 37.77 13.02 1.88
CA GLU B 57 38.95 12.19 2.05
C GLU B 57 39.01 11.06 1.03
N GLU B 58 37.99 10.21 1.02
CA GLU B 58 37.93 9.07 0.12
C GLU B 58 37.90 9.43 -1.35
N ALA B 59 37.20 10.52 -1.69
CA ALA B 59 37.08 10.95 -3.07
C ALA B 59 38.42 11.39 -3.65
N LEU B 60 39.15 12.21 -2.89
CA LEU B 60 40.46 12.70 -3.33
C LEU B 60 41.38 11.51 -3.58
N GLY B 61 41.45 10.59 -2.62
CA GLY B 61 42.28 9.41 -2.78
C GLY B 61 41.80 8.53 -3.91
N LYS B 62 40.68 8.91 -4.55
CA LYS B 62 40.13 8.15 -5.66
C LYS B 62 40.37 8.91 -6.96
N GLN B 63 41.17 9.97 -6.84
CA GLN B 63 41.54 10.85 -7.95
C GLN B 63 40.34 11.57 -8.52
N VAL B 64 39.52 12.13 -7.65
CA VAL B 64 38.32 12.85 -8.09
C VAL B 64 38.67 13.98 -9.08
N LEU B 65 39.35 14.99 -8.55
CA LEU B 65 39.75 16.17 -9.30
C LEU B 65 40.51 15.88 -10.59
N GLU B 66 40.75 14.60 -10.85
CA GLU B 66 41.50 14.21 -12.04
C GLU B 66 40.83 13.01 -12.74
N SER B 67 39.58 12.72 -12.36
CA SER B 67 38.85 11.62 -12.97
C SER B 67 37.90 12.14 -14.02
N LEU B 68 37.79 11.38 -15.10
CA LEU B 68 36.95 11.75 -16.23
C LEU B 68 35.45 11.62 -15.91
N THR B 69 35.15 10.89 -14.83
CA THR B 69 33.78 10.61 -14.37
C THR B 69 33.71 10.93 -12.89
N PRO B 70 33.76 12.21 -12.54
CA PRO B 70 33.70 12.63 -11.12
C PRO B 70 32.42 12.22 -10.35
N ALA B 71 31.27 12.27 -11.03
CA ALA B 71 29.99 11.87 -10.45
C ALA B 71 30.08 10.42 -9.89
N GLU B 72 30.45 9.47 -10.76
CA GLU B 72 30.54 8.05 -10.39
C GLU B 72 31.44 7.74 -9.23
N VAL B 73 32.28 8.71 -8.84
CA VAL B 73 33.19 8.53 -7.72
C VAL B 73 32.54 9.10 -6.44
N ILE B 74 31.77 10.15 -6.60
CA ILE B 74 31.07 10.69 -5.47
C ILE B 74 30.01 9.64 -5.12
N LEU B 75 29.38 9.05 -6.13
CA LEU B 75 28.36 8.04 -5.88
C LEU B 75 28.91 6.84 -5.14
N ALA B 76 30.07 6.35 -5.60
CA ALA B 76 30.69 5.21 -4.94
C ALA B 76 31.10 5.60 -3.53
N THR B 77 31.42 6.88 -3.35
CA THR B 77 31.87 7.36 -2.05
C THR B 77 30.76 7.68 -1.06
N VAL B 78 29.68 8.28 -1.57
CA VAL B 78 28.57 8.63 -0.70
C VAL B 78 27.98 7.32 -0.26
N TYR B 79 27.99 6.35 -1.18
CA TYR B 79 27.45 5.04 -0.87
C TYR B 79 28.12 4.46 0.38
N GLU B 80 29.42 4.18 0.28
CA GLU B 80 30.18 3.64 1.41
C GLU B 80 30.03 4.57 2.63
N ALA B 81 29.73 5.84 2.42
CA ALA B 81 29.55 6.73 3.56
C ALA B 81 28.28 6.33 4.31
N LEU B 82 27.19 6.13 3.56
CA LEU B 82 25.87 5.73 4.07
C LEU B 82 25.98 4.38 4.76
N LYS B 83 26.56 3.43 4.06
CA LYS B 83 26.77 2.10 4.63
C LYS B 83 27.37 2.23 6.00
N GLU B 84 28.47 2.98 6.16
CA GLU B 84 29.12 3.15 7.47
C GLU B 84 28.14 3.67 8.53
N ALA B 85 27.41 4.74 8.21
CA ALA B 85 26.47 5.32 9.17
C ALA B 85 25.44 4.33 9.65
N LEU B 86 25.09 3.39 8.79
CA LEU B 86 24.08 2.40 9.10
C LEU B 86 24.61 1.10 9.69
N GLY B 87 25.85 1.10 10.18
CA GLY B 87 26.38 -0.12 10.76
C GLY B 87 27.43 -0.85 9.92
N GLY B 88 27.56 -0.51 8.65
CA GLY B 88 28.57 -1.13 7.81
C GLY B 88 28.25 -2.49 7.24
N GLU B 89 28.56 -3.54 8.00
CA GLU B 89 28.29 -4.92 7.55
C GLU B 89 26.98 -5.37 8.19
N ALA B 90 26.27 -6.28 7.55
CA ALA B 90 25.03 -6.77 8.11
C ALA B 90 25.30 -7.70 9.31
N ARG B 91 24.93 -7.29 10.52
CA ARG B 91 25.15 -8.11 11.73
C ARG B 91 23.82 -8.75 12.17
N LEU B 92 23.90 -9.75 13.03
CA LEU B 92 22.73 -10.45 13.56
C LEU B 92 23.08 -11.10 14.88
N PRO B 93 22.22 -10.99 15.90
CA PRO B 93 22.58 -11.62 17.17
C PRO B 93 23.17 -13.00 16.94
N VAL B 94 24.14 -13.35 17.77
CA VAL B 94 24.80 -14.65 17.69
C VAL B 94 24.04 -15.65 18.59
N LEU B 95 23.61 -16.76 17.99
CA LEU B 95 22.87 -17.77 18.71
C LEU B 95 23.76 -18.71 19.49
N LYS B 96 23.17 -19.43 20.44
CA LYS B 96 23.91 -20.35 21.28
C LYS B 96 23.14 -21.66 21.32
N ASP B 97 23.27 -22.40 22.42
CA ASP B 97 22.52 -23.66 22.53
C ASP B 97 21.19 -23.29 23.20
N ARG B 98 21.25 -22.31 24.08
CA ARG B 98 20.09 -21.83 24.80
C ARG B 98 20.00 -20.30 24.67
N ASN B 99 18.85 -19.79 24.24
CA ASN B 99 18.69 -18.36 24.12
C ASN B 99 17.42 -17.78 24.75
N LEU B 100 17.55 -16.64 25.43
CA LEU B 100 16.42 -15.98 26.06
C LEU B 100 16.49 -14.51 25.76
N TRP B 101 15.66 -14.05 24.85
CA TRP B 101 15.69 -12.65 24.48
C TRP B 101 14.50 -11.90 25.05
N PHE B 102 14.65 -10.58 25.13
CA PHE B 102 13.60 -9.71 25.61
C PHE B 102 13.23 -8.80 24.43
N LEU B 103 11.95 -8.46 24.29
CA LEU B 103 11.51 -7.56 23.24
C LEU B 103 10.90 -6.37 23.97
N VAL B 104 11.57 -5.23 23.97
CA VAL B 104 11.05 -4.10 24.72
C VAL B 104 10.73 -2.93 23.83
N GLY B 105 9.93 -2.00 24.36
CA GLY B 105 9.56 -0.81 23.60
C GLY B 105 8.24 -0.16 24.02
N LEU B 106 7.79 0.82 23.24
CA LEU B 106 6.55 1.47 23.58
C LEU B 106 5.40 0.73 22.89
N GLN B 107 4.18 0.96 23.36
CA GLN B 107 3.03 0.34 22.75
C GLN B 107 2.92 0.95 21.38
N GLY B 108 2.67 0.13 20.38
CA GLY B 108 2.49 0.68 19.04
C GLY B 108 3.73 0.98 18.25
N SER B 109 4.75 0.20 18.51
CA SER B 109 5.99 0.37 17.82
C SER B 109 6.14 -0.88 17.04
N GLY B 110 5.16 -1.78 17.21
CA GLY B 110 5.15 -3.05 16.51
C GLY B 110 5.83 -4.19 17.26
N LYS B 111 6.05 -3.98 18.55
CA LYS B 111 6.71 -4.94 19.42
C LYS B 111 6.08 -6.36 19.40
N THR B 112 4.81 -6.45 19.77
CA THR B 112 4.06 -7.72 19.79
C THR B 112 4.03 -8.43 18.46
N THR B 113 3.98 -7.67 17.37
CA THR B 113 3.96 -8.25 16.04
C THR B 113 5.35 -8.78 15.77
N THR B 114 6.35 -7.93 15.96
CA THR B 114 7.74 -8.32 15.73
C THR B 114 8.03 -9.59 16.48
N ALA B 115 7.59 -9.67 17.72
CA ALA B 115 7.85 -10.87 18.49
C ALA B 115 7.44 -12.09 17.69
N ALA B 116 6.23 -12.07 17.16
CA ALA B 116 5.75 -13.21 16.40
C ALA B 116 6.47 -13.43 15.09
N LYS B 117 6.73 -12.38 14.32
CA LYS B 117 7.41 -12.53 13.04
C LYS B 117 8.83 -13.04 13.25
N LEU B 118 9.44 -12.60 14.35
CA LEU B 118 10.80 -13.00 14.74
C LEU B 118 10.82 -14.49 15.09
N ALA B 119 9.79 -14.95 15.80
CA ALA B 119 9.68 -16.36 16.15
C ALA B 119 9.52 -17.19 14.87
N LEU B 120 8.76 -16.67 13.91
CA LEU B 120 8.54 -17.36 12.64
C LEU B 120 9.83 -17.42 11.80
N TYR B 121 10.56 -16.31 11.78
CA TYR B 121 11.81 -16.25 11.05
C TYR B 121 12.75 -17.32 11.53
N TYR B 122 13.07 -17.31 12.82
CA TYR B 122 13.99 -18.28 13.39
C TYR B 122 13.53 -19.71 13.32
N LYS B 123 12.23 -19.95 13.32
CA LYS B 123 11.74 -21.32 13.22
C LYS B 123 12.01 -21.82 11.82
N GLY B 124 12.02 -20.90 10.85
CA GLY B 124 12.28 -21.26 9.46
C GLY B 124 13.75 -21.54 9.17
N LYS B 125 14.57 -21.33 10.19
CA LYS B 125 15.99 -21.54 10.12
C LYS B 125 16.44 -22.60 11.11
N GLY B 126 15.51 -23.42 11.56
CA GLY B 126 15.86 -24.50 12.48
C GLY B 126 15.40 -24.47 13.92
N ARG B 127 15.75 -23.41 14.63
CA ARG B 127 15.41 -23.24 16.03
C ARG B 127 14.01 -23.68 16.45
N ARG B 128 13.81 -23.90 17.75
CA ARG B 128 12.50 -24.29 18.27
C ARG B 128 12.18 -23.23 19.31
N PRO B 129 11.51 -22.15 18.91
CA PRO B 129 11.11 -21.00 19.70
C PRO B 129 9.92 -21.18 20.63
N LEU B 130 9.90 -20.38 21.68
CA LEU B 130 8.83 -20.38 22.64
C LEU B 130 8.57 -18.90 22.91
N LEU B 131 7.38 -18.42 22.58
CA LEU B 131 7.02 -17.03 22.83
C LEU B 131 6.46 -16.85 24.23
N VAL B 132 6.73 -15.72 24.89
CA VAL B 132 6.19 -15.46 26.22
C VAL B 132 5.53 -14.08 26.26
N ALA B 133 4.25 -14.06 26.59
CA ALA B 133 3.51 -12.82 26.71
C ALA B 133 3.65 -12.48 28.19
N ALA B 134 4.58 -11.60 28.51
CA ALA B 134 4.86 -11.22 29.88
C ALA B 134 4.18 -9.99 30.43
N ASP B 135 3.01 -9.61 29.89
CA ASP B 135 2.32 -8.44 30.42
C ASP B 135 1.35 -8.84 31.49
N THR B 136 1.73 -8.64 32.75
CA THR B 136 0.87 -9.05 33.85
C THR B 136 -0.33 -8.19 34.13
N GLN B 137 -0.50 -7.10 33.39
CA GLN B 137 -1.63 -6.22 33.64
C GLN B 137 -2.72 -6.29 32.59
N ARG B 138 -2.33 -6.50 31.33
CA ARG B 138 -3.27 -6.56 30.23
C ARG B 138 -3.52 -7.92 29.64
N PRO B 139 -4.58 -8.60 30.10
CA PRO B 139 -4.87 -9.92 29.54
C PRO B 139 -5.09 -9.81 28.07
N ALA B 140 -5.67 -8.69 27.64
CA ALA B 140 -5.97 -8.43 26.22
C ALA B 140 -4.73 -8.40 25.36
N ALA B 141 -3.65 -7.89 25.94
CA ALA B 141 -2.39 -7.82 25.26
C ALA B 141 -1.85 -9.22 25.06
N ARG B 142 -1.88 -10.02 26.11
CA ARG B 142 -1.40 -11.39 26.04
C ARG B 142 -2.17 -12.18 25.00
N GLU B 143 -3.46 -11.95 24.89
CA GLU B 143 -4.27 -12.70 23.94
C GLU B 143 -3.85 -12.45 22.50
N GLN B 144 -3.36 -11.25 22.25
CA GLN B 144 -2.93 -10.86 20.91
C GLN B 144 -1.77 -11.72 20.49
N LEU B 145 -0.83 -11.92 21.40
CA LEU B 145 0.35 -12.74 21.10
C LEU B 145 -0.02 -14.19 21.03
N ARG B 146 -0.98 -14.60 21.83
CA ARG B 146 -1.42 -15.98 21.80
C ARG B 146 -1.89 -16.40 20.42
N LEU B 147 -2.76 -15.61 19.80
CA LEU B 147 -3.29 -15.95 18.50
C LEU B 147 -2.24 -15.77 17.42
N LEU B 148 -1.31 -14.83 17.62
CA LEU B 148 -0.26 -14.59 16.64
C LEU B 148 0.62 -15.79 16.67
N GLY B 149 0.79 -16.37 17.84
CA GLY B 149 1.62 -17.55 17.97
C GLY B 149 0.98 -18.75 17.30
N GLU B 150 -0.34 -18.88 17.37
CA GLU B 150 -0.99 -20.02 16.75
C GLU B 150 -0.86 -19.97 15.24
N LYS B 151 -0.94 -18.76 14.68
CA LYS B 151 -0.85 -18.58 13.24
C LYS B 151 0.56 -18.97 12.76
N VAL B 152 1.61 -18.40 13.35
CA VAL B 152 2.95 -18.76 12.91
C VAL B 152 3.31 -20.15 13.34
N GLY B 153 2.50 -20.74 14.20
CA GLY B 153 2.79 -22.09 14.65
C GLY B 153 3.95 -22.20 15.61
N VAL B 154 3.89 -21.44 16.70
CA VAL B 154 4.91 -21.46 17.75
C VAL B 154 4.14 -21.43 19.05
N PRO B 155 4.55 -22.21 20.05
CA PRO B 155 3.85 -22.22 21.33
C PRO B 155 3.96 -20.88 22.02
N VAL B 156 3.14 -20.67 23.04
CA VAL B 156 3.16 -19.41 23.76
C VAL B 156 2.87 -19.65 25.22
N LEU B 157 3.64 -19.04 26.10
CA LEU B 157 3.37 -19.18 27.51
C LEU B 157 2.88 -17.84 27.97
N GLU B 158 1.63 -17.76 28.45
CA GLU B 158 1.07 -16.50 28.94
C GLU B 158 1.29 -16.38 30.42
N VAL B 159 1.77 -15.24 30.90
CA VAL B 159 1.95 -15.11 32.35
C VAL B 159 0.56 -14.93 32.93
N MET B 160 0.48 -14.80 34.24
CA MET B 160 -0.80 -14.66 34.91
C MET B 160 -0.92 -13.33 35.59
N ASP B 161 -2.14 -12.86 35.73
CA ASP B 161 -2.37 -11.57 36.35
C ASP B 161 -1.63 -11.44 37.64
N GLY B 162 -0.73 -10.49 37.69
CA GLY B 162 0.05 -10.24 38.88
C GLY B 162 1.13 -11.24 39.25
N GLU B 163 1.57 -12.05 38.27
CA GLU B 163 2.60 -13.04 38.54
C GLU B 163 3.94 -12.43 38.91
N SER B 164 4.60 -12.99 39.91
CA SER B 164 5.90 -12.50 40.36
C SER B 164 6.99 -12.89 39.40
N PRO B 165 8.04 -12.07 39.31
CA PRO B 165 9.11 -12.41 38.38
C PRO B 165 9.77 -13.74 38.60
N GLU B 166 9.94 -14.16 39.85
CA GLU B 166 10.60 -15.43 40.04
C GLU B 166 9.66 -16.56 39.71
N SER B 167 8.37 -16.29 39.64
CA SER B 167 7.43 -17.33 39.29
C SER B 167 7.53 -17.53 37.79
N ILE B 168 7.62 -16.44 37.04
CA ILE B 168 7.72 -16.55 35.60
C ILE B 168 9.02 -17.22 35.29
N ARG B 169 10.10 -16.83 35.96
CA ARG B 169 11.41 -17.46 35.72
C ARG B 169 11.26 -18.97 35.70
N ARG B 170 10.64 -19.51 36.73
CA ARG B 170 10.45 -20.94 36.87
C ARG B 170 9.60 -21.52 35.77
N ARG B 171 8.35 -21.05 35.69
CA ARG B 171 7.41 -21.52 34.69
C ARG B 171 7.98 -21.60 33.31
N VAL B 172 8.75 -20.58 32.92
CA VAL B 172 9.35 -20.46 31.60
C VAL B 172 10.48 -21.42 31.33
N GLU B 173 11.50 -21.38 32.18
CA GLU B 173 12.66 -22.23 31.99
C GLU B 173 12.37 -23.71 32.19
N GLU B 174 11.13 -24.03 32.54
CA GLU B 174 10.72 -25.42 32.72
C GLU B 174 10.01 -25.88 31.45
N LYS B 175 9.15 -25.05 30.90
CA LYS B 175 8.46 -25.42 29.68
C LYS B 175 9.47 -25.44 28.56
N ALA B 176 10.50 -24.64 28.68
CA ALA B 176 11.54 -24.57 27.66
C ALA B 176 12.40 -25.82 27.70
N ARG B 177 12.57 -26.35 28.90
CA ARG B 177 13.37 -27.54 29.10
C ARG B 177 12.63 -28.77 28.61
N LEU B 178 11.48 -29.03 29.19
CA LEU B 178 10.69 -30.18 28.82
C LEU B 178 10.36 -30.27 27.35
N GLU B 179 10.02 -29.14 26.74
CA GLU B 179 9.66 -29.13 25.33
C GLU B 179 10.86 -28.93 24.38
N ALA B 180 12.02 -28.62 24.96
CA ALA B 180 13.25 -28.41 24.19
C ALA B 180 13.15 -27.21 23.24
N ARG B 181 13.05 -26.02 23.82
CA ARG B 181 12.94 -24.80 23.06
C ARG B 181 14.24 -24.04 23.23
N ASP B 182 14.96 -23.77 22.14
CA ASP B 182 16.24 -23.08 22.27
C ASP B 182 16.22 -21.57 22.05
N LEU B 183 15.06 -21.02 21.75
CA LEU B 183 14.93 -19.58 21.58
C LEU B 183 13.67 -19.13 22.27
N ILE B 184 13.83 -18.32 23.30
CA ILE B 184 12.71 -17.81 24.05
C ILE B 184 12.57 -16.31 23.82
N LEU B 185 11.48 -15.94 23.15
CA LEU B 185 11.17 -14.56 22.80
C LEU B 185 10.12 -14.02 23.74
N VAL B 186 10.57 -13.20 24.70
CA VAL B 186 9.72 -12.59 25.71
C VAL B 186 9.26 -11.20 25.33
N ASP B 187 7.97 -11.07 25.04
CA ASP B 187 7.35 -9.80 24.72
C ASP B 187 6.93 -9.14 26.04
N THR B 188 7.74 -8.20 26.51
CA THR B 188 7.50 -7.47 27.76
C THR B 188 6.32 -6.54 27.61
N ALA B 189 5.91 -5.91 28.70
CA ALA B 189 4.77 -5.00 28.63
C ALA B 189 5.07 -3.77 27.80
N GLY B 190 4.03 -3.22 27.18
CA GLY B 190 4.19 -2.00 26.39
C GLY B 190 3.12 -0.96 26.66
N ARG B 191 3.50 0.28 26.91
CA ARG B 191 2.50 1.30 27.17
C ARG B 191 2.75 2.51 26.25
N LEU B 192 1.98 3.59 26.36
CA LEU B 192 2.18 4.73 25.45
C LEU B 192 3.09 5.86 25.99
N GLN B 193 3.66 5.66 27.17
CA GLN B 193 4.60 6.60 27.78
C GLN B 193 5.66 5.81 28.60
N ILE B 194 6.52 6.51 29.32
CA ILE B 194 7.53 5.87 30.12
C ILE B 194 7.13 6.15 31.56
N ASP B 195 6.71 5.12 32.28
CA ASP B 195 6.31 5.29 33.67
C ASP B 195 7.27 4.49 34.54
N GLU B 196 7.67 5.10 35.65
CA GLU B 196 8.64 4.50 36.56
C GLU B 196 8.28 3.12 37.07
N PRO B 197 7.08 2.98 37.65
CA PRO B 197 6.72 1.64 38.15
C PRO B 197 6.99 0.51 37.13
N LEU B 198 6.52 0.65 35.89
CA LEU B 198 6.74 -0.38 34.89
C LEU B 198 8.15 -0.55 34.41
N MET B 199 8.92 0.53 34.32
CA MET B 199 10.30 0.42 33.87
C MET B 199 11.05 -0.28 34.96
N GLY B 200 10.60 -0.10 36.20
CA GLY B 200 11.24 -0.77 37.33
C GLY B 200 10.93 -2.25 37.31
N GLU B 201 9.67 -2.58 37.04
CA GLU B 201 9.24 -3.98 36.98
C GLU B 201 9.99 -4.66 35.85
N LEU B 202 10.21 -3.92 34.78
CA LEU B 202 10.91 -4.44 33.62
C LEU B 202 12.35 -4.65 33.94
N ALA B 203 12.90 -3.79 34.78
CA ALA B 203 14.29 -3.94 35.17
C ALA B 203 14.47 -5.22 35.99
N ARG B 204 13.60 -5.41 36.98
CA ARG B 204 13.62 -6.57 37.84
C ARG B 204 13.38 -7.83 36.99
N LEU B 205 12.47 -7.78 36.05
CA LEU B 205 12.26 -8.96 35.27
C LEU B 205 13.56 -9.32 34.58
N LYS B 206 14.30 -8.34 34.06
CA LYS B 206 15.56 -8.67 33.42
C LYS B 206 16.51 -9.23 34.46
N GLU B 207 16.56 -8.58 35.63
CA GLU B 207 17.42 -9.01 36.75
C GLU B 207 17.24 -10.52 36.91
N VAL B 208 15.97 -10.92 36.99
CA VAL B 208 15.55 -12.31 37.17
C VAL B 208 15.74 -13.29 36.00
N LEU B 209 15.07 -13.07 34.88
CA LEU B 209 15.20 -13.98 33.75
C LEU B 209 16.59 -14.06 33.11
N GLY B 210 17.40 -13.02 33.33
CA GLY B 210 18.74 -12.99 32.75
C GLY B 210 18.72 -13.14 31.25
N PRO B 211 18.19 -12.15 30.52
CA PRO B 211 18.13 -12.20 29.08
C PRO B 211 19.50 -12.16 28.46
N ASP B 212 19.66 -12.87 27.35
CA ASP B 212 20.94 -12.90 26.66
C ASP B 212 21.00 -11.71 25.71
N GLU B 213 19.84 -11.25 25.26
CA GLU B 213 19.73 -10.10 24.37
C GLU B 213 18.48 -9.32 24.81
N VAL B 214 18.41 -8.05 24.43
CA VAL B 214 17.26 -7.23 24.76
C VAL B 214 17.08 -6.35 23.57
N LEU B 215 16.17 -6.76 22.69
CA LEU B 215 15.88 -6.03 21.47
C LEU B 215 14.88 -4.90 21.68
N LEU B 216 15.31 -3.67 21.40
CA LEU B 216 14.43 -2.52 21.54
C LEU B 216 13.76 -2.33 20.20
N VAL B 217 12.44 -2.17 20.19
CA VAL B 217 11.74 -1.95 18.95
C VAL B 217 11.36 -0.46 18.88
N LEU B 218 11.68 0.21 17.78
CA LEU B 218 11.40 1.63 17.63
C LEU B 218 10.69 1.89 16.33
N ASP B 219 9.69 2.76 16.37
CA ASP B 219 8.91 3.11 15.21
C ASP B 219 9.66 4.24 14.53
N ALA B 220 10.23 3.98 13.37
CA ALA B 220 10.99 4.97 12.64
C ALA B 220 10.15 6.21 12.30
N MET B 221 8.85 6.02 12.06
CA MET B 221 7.97 7.13 11.74
C MET B 221 7.94 8.22 12.78
N THR B 222 8.46 7.92 13.97
CA THR B 222 8.46 8.87 15.07
C THR B 222 9.72 9.72 15.10
N GLY B 223 10.47 9.67 14.01
CA GLY B 223 11.67 10.49 13.94
C GLY B 223 12.58 10.53 15.14
N GLN B 224 13.02 11.71 15.54
CA GLN B 224 13.95 11.79 16.65
C GLN B 224 13.41 11.18 17.92
N GLU B 225 12.11 11.28 18.13
CA GLU B 225 11.48 10.75 19.34
C GLU B 225 11.98 9.34 19.66
N ALA B 226 12.29 8.58 18.61
CA ALA B 226 12.77 7.21 18.76
C ALA B 226 14.12 7.18 19.46
N LEU B 227 14.97 8.12 19.11
CA LEU B 227 16.27 8.14 19.75
C LEU B 227 16.14 8.51 21.21
N SER B 228 15.07 9.19 21.59
CA SER B 228 14.92 9.55 22.99
C SER B 228 14.39 8.37 23.74
N VAL B 229 13.56 7.58 23.06
CA VAL B 229 12.99 6.39 23.67
C VAL B 229 14.16 5.46 23.86
N ALA B 230 15.01 5.35 22.86
CA ALA B 230 16.15 4.47 23.00
C ALA B 230 17.00 4.87 24.19
N ARG B 231 17.15 6.17 24.43
CA ARG B 231 17.96 6.61 25.54
C ARG B 231 17.31 6.18 26.83
N ALA B 232 15.99 6.31 26.88
CA ALA B 232 15.23 5.94 28.06
C ALA B 232 15.38 4.49 28.38
N PHE B 233 15.27 3.62 27.38
CA PHE B 233 15.37 2.22 27.66
C PHE B 233 16.77 1.74 28.02
N ASP B 234 17.81 2.18 27.31
CA ASP B 234 19.16 1.71 27.66
C ASP B 234 19.49 2.23 29.05
N GLU B 235 19.12 3.48 29.29
CA GLU B 235 19.39 4.13 30.56
C GLU B 235 18.79 3.34 31.76
N LYS B 236 17.63 2.72 31.57
CA LYS B 236 16.94 2.02 32.68
C LYS B 236 16.80 0.50 32.66
N VAL B 237 17.06 -0.14 31.54
CA VAL B 237 16.94 -1.58 31.50
C VAL B 237 18.23 -2.09 30.96
N GLY B 238 18.51 -1.78 29.71
CA GLY B 238 19.74 -2.24 29.10
C GLY B 238 19.42 -2.87 27.79
N VAL B 239 19.48 -2.10 26.72
CA VAL B 239 19.18 -2.59 25.39
C VAL B 239 20.45 -3.15 24.76
N THR B 240 20.37 -4.17 23.92
CA THR B 240 21.57 -4.68 23.25
C THR B 240 21.47 -4.61 21.71
N GLY B 241 20.28 -4.29 21.21
CA GLY B 241 20.07 -4.19 19.78
C GLY B 241 18.79 -3.43 19.45
N LEU B 242 18.60 -3.09 18.18
CA LEU B 242 17.40 -2.35 17.80
C LEU B 242 16.71 -3.01 16.64
N VAL B 243 15.42 -2.72 16.53
CA VAL B 243 14.57 -3.21 15.43
C VAL B 243 13.79 -1.99 15.00
N LEU B 244 13.92 -1.61 13.74
CA LEU B 244 13.26 -0.42 13.24
C LEU B 244 12.07 -0.73 12.36
N THR B 245 10.89 -0.38 12.84
CA THR B 245 9.64 -0.63 12.15
C THR B 245 9.12 0.55 11.36
N LYS B 246 8.10 0.28 10.55
CA LYS B 246 7.47 1.31 9.75
C LYS B 246 8.56 2.18 9.17
N LEU B 247 9.60 1.56 8.64
CA LEU B 247 10.73 2.29 8.06
C LEU B 247 10.34 2.78 6.69
N ASP B 248 9.45 2.07 6.04
CA ASP B 248 8.98 2.43 4.70
C ASP B 248 8.15 3.71 4.78
N GLY B 249 7.92 4.19 5.99
CA GLY B 249 7.11 5.37 6.17
C GLY B 249 7.85 6.56 6.70
N ASP B 250 9.14 6.42 6.91
CA ASP B 250 9.91 7.56 7.38
C ASP B 250 10.37 8.24 6.12
N ALA B 251 10.21 9.57 6.06
CA ALA B 251 10.61 10.30 4.87
C ALA B 251 11.96 10.99 4.99
N ARG B 252 12.48 11.06 6.21
CA ARG B 252 13.78 11.70 6.41
C ARG B 252 14.92 10.72 6.49
N GLY B 253 14.84 9.79 7.42
CA GLY B 253 15.90 8.80 7.61
C GLY B 253 16.91 9.28 8.64
N GLY B 254 16.69 10.47 9.16
CA GLY B 254 17.59 11.02 10.15
C GLY B 254 17.85 10.13 11.34
N ALA B 255 16.80 9.54 11.90
CA ALA B 255 16.95 8.68 13.05
C ALA B 255 17.72 7.41 12.72
N ALA B 256 17.32 6.74 11.65
CA ALA B 256 18.00 5.51 11.27
C ALA B 256 19.47 5.81 11.06
N LEU B 257 19.76 6.81 10.23
CA LEU B 257 21.15 7.17 9.93
C LEU B 257 22.02 7.51 11.15
N SER B 258 21.42 8.01 12.23
CA SER B 258 22.18 8.36 13.44
C SER B 258 22.02 7.38 14.60
N ALA B 259 21.21 6.33 14.40
CA ALA B 259 20.95 5.36 15.46
C ALA B 259 22.21 4.71 15.99
N ARG B 260 23.10 4.34 15.09
CA ARG B 260 24.34 3.70 15.49
C ARG B 260 25.21 4.60 16.37
N HIS B 261 25.47 5.83 15.91
CA HIS B 261 26.31 6.77 16.67
C HIS B 261 25.69 7.21 17.98
N VAL B 262 24.47 7.69 17.88
CA VAL B 262 23.73 8.21 19.03
C VAL B 262 23.54 7.16 20.13
N THR B 263 23.04 5.97 19.78
CA THR B 263 22.75 4.94 20.78
C THR B 263 23.91 4.03 21.09
N GLY B 264 24.63 3.64 20.05
CA GLY B 264 25.77 2.75 20.21
C GLY B 264 25.43 1.29 19.92
N LYS B 265 24.13 0.99 19.92
CA LYS B 265 23.62 -0.34 19.68
C LYS B 265 23.44 -0.58 18.16
N PRO B 266 23.57 -1.83 17.68
CA PRO B 266 23.42 -2.13 16.24
C PRO B 266 22.00 -2.35 15.76
N ILE B 267 21.79 -2.41 14.45
CA ILE B 267 20.43 -2.65 13.97
C ILE B 267 20.36 -4.08 13.43
N TYR B 268 19.62 -4.96 14.10
CA TYR B 268 19.50 -6.35 13.66
C TYR B 268 18.44 -6.57 12.58
N PHE B 269 17.20 -6.21 12.87
CA PHE B 269 16.11 -6.38 11.91
C PHE B 269 15.46 -5.04 11.69
N ALA B 270 14.85 -4.86 10.53
CA ALA B 270 14.18 -3.63 10.17
C ALA B 270 12.98 -3.94 9.32
N GLY B 271 11.90 -3.19 9.50
CA GLY B 271 10.70 -3.47 8.73
C GLY B 271 10.57 -2.53 7.56
N VAL B 272 10.55 -3.11 6.37
CA VAL B 272 10.44 -2.30 5.16
C VAL B 272 9.03 -2.41 4.60
N SER B 273 8.29 -3.39 5.10
CA SER B 273 6.93 -3.63 4.65
C SER B 273 6.06 -4.22 5.77
N GLU B 274 4.77 -4.41 5.47
CA GLU B 274 3.81 -4.93 6.46
C GLU B 274 3.61 -6.44 6.28
N LYS B 275 4.38 -7.02 5.35
CA LYS B 275 4.34 -8.46 5.06
C LYS B 275 5.12 -9.26 6.14
N PRO B 276 4.86 -10.57 6.26
CA PRO B 276 5.57 -11.40 7.25
C PRO B 276 7.03 -11.36 6.87
N GLU B 277 7.27 -11.57 5.58
CA GLU B 277 8.61 -11.53 4.99
C GLU B 277 8.98 -10.03 4.92
N GLY B 278 8.12 -9.21 5.55
CA GLY B 278 8.29 -7.77 5.62
C GLY B 278 9.31 -7.38 6.67
N LEU B 279 9.50 -8.25 7.65
CA LEU B 279 10.50 -8.04 8.67
C LEU B 279 11.71 -8.88 8.23
N GLU B 280 12.76 -8.24 7.71
CA GLU B 280 13.95 -8.95 7.27
C GLU B 280 15.13 -8.50 8.08
N PRO B 281 16.25 -9.22 7.98
CA PRO B 281 17.43 -8.82 8.75
C PRO B 281 17.91 -7.50 8.12
N PHE B 282 18.38 -6.57 8.93
CA PHE B 282 18.80 -5.29 8.36
C PHE B 282 20.14 -5.33 7.64
N TYR B 283 20.11 -4.96 6.36
CA TYR B 283 21.33 -4.89 5.56
C TYR B 283 21.65 -3.44 5.22
N PRO B 284 22.67 -2.83 5.85
CA PRO B 284 22.97 -1.44 5.51
C PRO B 284 23.25 -1.35 4.00
N GLU B 285 24.09 -2.25 3.51
CA GLU B 285 24.43 -2.28 2.10
C GLU B 285 23.20 -2.00 1.26
N ARG B 286 22.12 -2.70 1.57
CA ARG B 286 20.86 -2.56 0.84
C ARG B 286 20.13 -1.23 1.02
N LEU B 287 20.07 -0.72 2.25
CA LEU B 287 19.39 0.55 2.49
C LEU B 287 20.18 1.66 1.83
N ALA B 288 21.50 1.59 1.93
CA ALA B 288 22.35 2.57 1.29
C ALA B 288 22.09 2.65 -0.23
N GLY B 289 22.01 1.50 -0.86
CA GLY B 289 21.79 1.50 -2.27
C GLY B 289 20.49 2.14 -2.62
N ARG B 290 19.46 1.77 -1.90
CA ARG B 290 18.14 2.27 -2.18
C ARG B 290 18.07 3.76 -2.03
N ILE B 291 18.84 4.30 -1.09
CA ILE B 291 18.81 5.74 -0.90
C ILE B 291 19.44 6.41 -2.10
N LEU B 292 20.30 5.71 -2.82
CA LEU B 292 20.95 6.32 -3.97
C LEU B 292 20.31 5.90 -5.27
N GLY B 293 19.25 5.09 -5.21
CA GLY B 293 18.57 4.70 -6.43
C GLY B 293 18.78 3.33 -7.00
N MET B 294 19.63 2.52 -6.37
CA MET B 294 19.88 1.21 -6.92
C MET B 294 18.94 0.16 -6.36
N GLY B 295 17.82 -0.01 -7.06
CA GLY B 295 16.86 -0.99 -6.66
C GLY B 295 15.95 -0.53 -5.55
N ASP B 296 15.46 0.71 -5.62
CA ASP B 296 14.51 1.23 -4.63
C ASP B 296 13.17 0.86 -5.29
N VAL B 297 12.09 0.91 -4.53
CA VAL B 297 10.77 0.63 -5.05
C VAL B 297 9.94 1.84 -4.65
N ALA B 298 8.98 2.21 -5.49
CA ALA B 298 8.15 3.37 -5.18
C ALA B 298 7.22 3.14 -3.97
N SER B 299 6.90 4.22 -3.27
CA SER B 299 6.01 4.13 -2.13
C SER B 299 4.64 4.54 -2.62
N LEU B 300 3.61 4.24 -1.83
CA LEU B 300 2.23 4.58 -2.19
C LEU B 300 2.11 6.07 -2.42
N ALA B 301 2.76 6.86 -1.57
CA ALA B 301 2.71 8.31 -1.71
C ALA B 301 3.21 8.67 -3.10
N GLU B 302 4.44 8.23 -3.37
CA GLU B 302 5.12 8.46 -4.64
C GLU B 302 4.22 8.09 -5.80
N LYS B 303 3.58 6.92 -5.68
CA LYS B 303 2.66 6.43 -6.69
C LYS B 303 1.58 7.49 -6.90
N VAL B 304 1.16 8.10 -5.80
CA VAL B 304 0.13 9.13 -5.86
C VAL B 304 0.71 10.52 -6.16
N ARG B 305 2.00 10.69 -5.87
CA ARG B 305 2.70 11.97 -6.11
C ARG B 305 3.25 12.17 -7.54
N ALA B 306 3.53 11.07 -8.24
CA ALA B 306 4.00 11.11 -9.62
C ALA B 306 2.75 11.06 -10.50
N ALA B 307 1.65 10.61 -9.90
CA ALA B 307 0.33 10.54 -10.55
C ALA B 307 -0.59 11.35 -9.65
N GLU B 319 -2.85 27.09 16.52
CA GLU B 319 -2.58 26.61 17.91
C GLU B 319 -1.34 25.69 17.86
N LEU B 320 -0.60 25.60 18.98
CA LEU B 320 0.64 24.80 19.10
C LEU B 320 0.46 23.44 19.83
N SER B 321 1.60 22.80 20.14
CA SER B 321 1.61 21.52 20.86
C SER B 321 2.95 21.31 21.54
N LEU B 322 2.92 20.86 22.79
CA LEU B 322 4.14 20.63 23.56
C LEU B 322 5.15 19.91 22.68
N GLU B 323 4.66 18.93 21.92
CA GLU B 323 5.51 18.17 21.02
C GLU B 323 6.24 19.12 20.08
N ASP B 324 5.49 20.10 19.57
CA ASP B 324 6.00 21.10 18.64
C ASP B 324 6.98 22.08 19.32
N PHE B 325 6.65 22.50 20.53
CA PHE B 325 7.49 23.43 21.28
C PHE B 325 8.90 22.85 21.45
N LEU B 326 8.95 21.63 21.98
CA LEU B 326 10.22 20.96 22.23
C LEU B 326 11.02 20.89 20.95
N LYS B 327 10.33 20.61 19.86
CA LYS B 327 10.97 20.48 18.55
C LYS B 327 11.59 21.79 18.08
N GLN B 328 10.86 22.90 18.25
CA GLN B 328 11.41 24.18 17.82
C GLN B 328 12.68 24.52 18.56
N MET B 329 12.77 24.16 19.85
CA MET B 329 13.99 24.43 20.60
C MET B 329 15.10 23.56 20.02
N GLN B 330 14.76 22.32 19.68
CA GLN B 330 15.73 21.40 19.12
C GLN B 330 16.26 21.95 17.79
N ASN B 331 15.34 22.48 16.98
CA ASN B 331 15.68 23.07 15.67
C ASN B 331 16.57 24.32 15.84
N LEU B 332 16.28 25.10 16.87
CA LEU B 332 17.07 26.30 17.12
C LEU B 332 18.50 25.90 17.51
N LYS B 333 18.65 25.12 18.57
CA LYS B 333 19.98 24.71 19.02
C LYS B 333 20.87 24.25 17.85
N ARG B 334 20.22 23.59 16.89
CA ARG B 334 20.86 23.03 15.68
C ARG B 334 21.29 24.07 14.66
N LEU B 335 20.63 25.23 14.68
CA LEU B 335 20.97 26.32 13.76
C LEU B 335 22.13 27.16 14.31
N GLY B 336 22.82 26.60 15.31
CA GLY B 336 23.97 27.25 15.94
C GLY B 336 23.57 28.46 16.76
N PRO B 337 24.57 29.21 17.29
CA PRO B 337 24.34 30.42 18.11
C PRO B 337 24.00 31.67 17.26
N PHE B 338 23.13 32.55 17.79
CA PHE B 338 22.73 33.76 17.07
C PHE B 338 23.47 35.02 17.53
N SER B 339 24.80 34.94 17.52
CA SER B 339 25.70 36.01 17.95
C SER B 339 25.29 37.41 17.49
N GLU B 340 24.81 37.49 16.25
CA GLU B 340 24.39 38.76 15.64
C GLU B 340 23.06 39.33 16.19
N ILE B 341 22.03 38.49 16.31
CA ILE B 341 20.73 38.94 16.82
C ILE B 341 20.87 39.31 18.28
N LEU B 342 21.91 38.78 18.91
CA LEU B 342 22.17 39.08 20.32
C LEU B 342 23.11 40.28 20.30
N GLY B 343 23.63 40.59 19.12
CA GLY B 343 24.53 41.71 18.94
C GLY B 343 23.81 42.99 19.32
N LEU B 344 22.50 43.01 19.11
CA LEU B 344 21.67 44.17 19.44
C LEU B 344 21.51 44.25 20.95
N LEU B 345 21.01 43.18 21.54
CA LEU B 345 20.80 43.14 22.98
C LEU B 345 22.13 42.98 23.70
N PRO B 346 22.45 43.91 24.62
CA PRO B 346 23.72 43.74 25.32
C PRO B 346 23.69 42.54 26.28
N GLY B 347 22.96 41.48 25.89
CA GLY B 347 22.87 40.27 26.69
C GLY B 347 24.16 39.46 26.53
N VAL B 348 24.54 38.71 27.56
CA VAL B 348 25.78 37.93 27.57
C VAL B 348 25.97 37.06 26.31
N PRO B 349 27.15 37.14 25.67
CA PRO B 349 27.44 36.36 24.47
C PRO B 349 27.49 34.86 24.77
N GLN B 350 27.19 34.05 23.75
CA GLN B 350 27.18 32.58 23.89
C GLN B 350 26.02 32.10 24.78
N GLY B 351 24.81 32.58 24.48
CA GLY B 351 23.62 32.20 25.23
C GLY B 351 23.38 30.68 25.25
N LEU B 352 24.48 29.92 25.35
CA LEU B 352 24.45 28.46 25.39
C LEU B 352 23.87 27.88 26.68
N LYS B 353 22.86 28.55 27.22
CA LYS B 353 22.15 28.06 28.41
C LYS B 353 21.50 26.78 27.86
N VAL B 354 21.38 26.78 26.53
CA VAL B 354 20.83 25.67 25.78
C VAL B 354 21.98 24.70 25.56
N ASP B 355 22.41 24.05 26.63
CA ASP B 355 23.46 23.07 26.47
C ASP B 355 22.75 21.73 26.24
N GLU B 356 23.33 20.92 25.36
CA GLU B 356 22.76 19.64 25.02
C GLU B 356 22.11 18.88 26.19
N LYS B 357 22.76 18.90 27.35
CA LYS B 357 22.23 18.17 28.51
C LYS B 357 20.98 18.76 29.17
N ALA B 358 20.68 20.02 28.92
CA ALA B 358 19.51 20.65 29.52
C ALA B 358 18.25 20.46 28.68
N ILE B 359 18.42 20.02 27.43
CA ILE B 359 17.29 19.77 26.52
C ILE B 359 16.81 18.34 26.68
N LYS B 360 17.74 17.44 26.93
CA LYS B 360 17.39 16.05 27.10
C LYS B 360 16.58 15.95 28.38
N ARG B 361 16.79 16.87 29.31
CA ARG B 361 16.00 16.84 30.53
C ARG B 361 14.53 17.02 30.10
N LEU B 362 14.30 17.82 29.07
CA LEU B 362 12.96 18.10 28.59
C LEU B 362 12.52 17.02 27.60
N GLU B 363 13.45 16.55 26.79
CA GLU B 363 13.11 15.48 25.85
C GLU B 363 12.52 14.33 26.68
N ALA B 364 12.97 14.22 27.93
CA ALA B 364 12.56 13.17 28.84
C ALA B 364 11.22 13.42 29.48
N ILE B 365 11.04 14.64 29.96
CA ILE B 365 9.79 15.03 30.59
C ILE B 365 8.58 14.72 29.68
N VAL B 366 8.72 14.99 28.39
CA VAL B 366 7.62 14.76 27.46
C VAL B 366 7.39 13.28 27.34
N LEU B 367 8.48 12.53 27.28
CA LEU B 367 8.42 11.09 27.11
C LEU B 367 7.58 10.42 28.17
N SER B 368 7.64 10.92 29.40
CA SER B 368 6.88 10.32 30.48
C SER B 368 5.44 10.84 30.60
N MET B 369 5.09 11.85 29.79
CA MET B 369 3.75 12.44 29.81
C MET B 369 2.79 11.62 28.98
N THR B 370 1.53 11.65 29.37
CA THR B 370 0.49 10.93 28.67
C THR B 370 0.22 11.57 27.32
N PRO B 371 -0.06 10.77 26.29
CA PRO B 371 -0.33 11.32 24.97
C PRO B 371 -1.36 12.42 24.93
N GLU B 372 -2.26 12.40 25.90
CA GLU B 372 -3.33 13.42 26.02
C GLU B 372 -2.83 14.60 26.81
N GLU B 373 -1.82 14.39 27.65
CA GLU B 373 -1.27 15.48 28.44
C GLU B 373 -0.37 16.26 27.52
N ARG B 374 0.05 15.67 26.42
CA ARG B 374 0.88 16.40 25.50
C ARG B 374 -0.02 17.28 24.68
N LYS B 375 -1.20 16.77 24.31
CA LYS B 375 -2.13 17.56 23.52
C LYS B 375 -2.58 18.79 24.29
N ASP B 376 -2.75 18.65 25.60
CA ASP B 376 -3.19 19.79 26.40
C ASP B 376 -2.60 19.80 27.79
N PRO B 377 -1.36 20.29 27.94
CA PRO B 377 -0.70 20.34 29.24
C PRO B 377 -1.50 21.05 30.33
N ARG B 378 -2.54 21.77 29.94
CA ARG B 378 -3.38 22.48 30.91
C ARG B 378 -4.04 21.52 31.91
N ILE B 379 -4.55 20.41 31.37
CA ILE B 379 -5.22 19.40 32.18
C ILE B 379 -4.34 18.94 33.30
N LEU B 380 -3.05 19.24 33.24
CA LEU B 380 -2.12 18.82 34.28
C LEU B 380 -2.47 19.33 35.67
N ASN B 381 -2.46 18.41 36.63
CA ASN B 381 -2.77 18.73 38.02
C ASN B 381 -1.48 18.45 38.79
N GLY B 382 -1.50 18.58 40.11
CA GLY B 382 -0.29 18.35 40.89
C GLY B 382 0.14 16.92 40.99
N SER B 383 -0.82 16.04 41.20
CA SER B 383 -0.54 14.61 41.35
C SER B 383 0.11 14.05 40.08
N ARG B 384 -0.08 14.76 38.97
CA ARG B 384 0.48 14.36 37.68
C ARG B 384 1.94 14.79 37.56
N ARG B 385 2.20 16.07 37.84
CA ARG B 385 3.56 16.59 37.75
C ARG B 385 4.47 15.72 38.59
N LYS B 386 3.97 15.34 39.76
CA LYS B 386 4.73 14.50 40.66
C LYS B 386 5.09 13.23 39.88
N ARG B 387 4.10 12.65 39.22
CA ARG B 387 4.28 11.41 38.43
C ARG B 387 5.28 11.61 37.31
N ILE B 388 5.00 12.58 36.48
CA ILE B 388 5.87 12.88 35.38
C ILE B 388 7.28 13.10 35.91
N ALA B 389 7.40 13.95 36.92
CA ALA B 389 8.71 14.23 37.47
C ALA B 389 9.44 12.98 37.90
N LYS B 390 8.69 11.96 38.34
CA LYS B 390 9.33 10.73 38.79
C LYS B 390 9.75 9.87 37.60
N GLY B 391 8.85 9.70 36.64
CA GLY B 391 9.16 8.88 35.48
C GLY B 391 10.34 9.36 34.65
N SER B 392 10.50 10.68 34.56
CA SER B 392 11.57 11.32 33.77
C SER B 392 12.92 11.36 34.47
N GLY B 393 12.93 11.84 35.71
CA GLY B 393 14.17 11.91 36.45
C GLY B 393 14.51 13.36 36.69
N THR B 394 13.46 14.14 36.85
CA THR B 394 13.59 15.57 37.08
C THR B 394 12.79 15.95 38.31
N SER B 395 12.66 17.25 38.59
CA SER B 395 11.91 17.67 39.75
C SER B 395 10.57 18.24 39.35
N VAL B 396 9.62 18.15 40.27
CA VAL B 396 8.27 18.64 40.05
C VAL B 396 8.38 20.08 39.53
N GLN B 397 9.44 20.76 39.95
CA GLN B 397 9.69 22.15 39.54
C GLN B 397 10.09 22.23 38.08
N GLU B 398 11.07 21.45 37.66
CA GLU B 398 11.51 21.50 36.29
C GLU B 398 10.36 21.24 35.34
N VAL B 399 9.47 20.36 35.74
CA VAL B 399 8.34 20.03 34.90
C VAL B 399 7.40 21.21 34.82
N ASN B 400 6.91 21.65 35.98
CA ASN B 400 6.00 22.76 36.02
C ASN B 400 6.54 23.96 35.25
N ARG B 401 7.81 24.26 35.46
CA ARG B 401 8.50 25.36 34.80
C ARG B 401 8.43 25.18 33.29
N PHE B 402 8.90 24.03 32.82
CA PHE B 402 8.89 23.69 31.40
C PHE B 402 7.53 23.93 30.78
N ILE B 403 6.50 23.57 31.51
CA ILE B 403 5.16 23.73 30.99
C ILE B 403 4.79 25.18 30.94
N LYS B 404 5.18 25.95 31.95
CA LYS B 404 4.86 27.38 31.96
C LYS B 404 5.49 28.09 30.76
N ALA B 405 6.74 27.73 30.46
CA ALA B 405 7.46 28.30 29.34
C ALA B 405 6.69 28.00 28.05
N PHE B 406 6.11 26.81 27.97
CA PHE B 406 5.33 26.43 26.82
C PHE B 406 4.08 27.32 26.79
N GLU B 407 3.24 27.17 27.80
CA GLU B 407 2.00 27.92 27.90
C GLU B 407 2.20 29.37 27.44
N GLU B 408 3.28 30.00 27.91
CA GLU B 408 3.60 31.38 27.57
C GLU B 408 4.01 31.51 26.10
N MET B 409 4.77 30.56 25.59
CA MET B 409 5.19 30.60 24.21
C MET B 409 3.96 30.44 23.33
N LYS B 410 3.06 29.56 23.73
CA LYS B 410 1.82 29.29 22.99
C LYS B 410 1.01 30.59 22.82
N ALA B 411 0.77 31.29 23.93
CA ALA B 411 -0.01 32.52 23.91
C ALA B 411 0.69 33.58 23.07
N LEU B 412 2.02 33.65 23.16
CA LEU B 412 2.79 34.62 22.38
C LEU B 412 2.64 34.24 20.92
N MET B 413 2.95 32.98 20.63
CA MET B 413 2.85 32.47 19.29
C MET B 413 1.44 32.74 18.73
N LYS B 414 0.45 32.68 19.61
CA LYS B 414 -0.95 32.90 19.22
C LYS B 414 -1.28 34.37 19.00
N SER B 415 -0.89 35.22 19.95
CA SER B 415 -1.14 36.66 19.85
C SER B 415 -0.54 37.20 18.55
N LEU B 416 0.72 36.84 18.28
CA LEU B 416 1.39 37.29 17.06
C LEU B 416 0.78 36.77 15.76
N GLU B 417 -0.47 36.36 15.81
CA GLU B 417 -1.17 35.88 14.62
C GLU B 417 -2.27 36.91 14.30
N LYS B 418 -3.10 37.20 15.31
CA LYS B 418 -4.19 38.18 15.19
C LYS B 418 -3.70 39.58 14.79
N MET C 1 -6.73 -0.55 11.93
CA MET C 1 -8.16 -1.01 11.78
C MET C 1 -9.23 0.01 12.14
N PHE C 2 -10.12 0.32 11.20
CA PHE C 2 -11.21 1.28 11.43
C PHE C 2 -10.67 2.54 12.09
N GLN C 3 -9.87 3.31 11.36
CA GLN C 3 -9.25 4.50 11.96
C GLN C 3 -10.11 5.45 12.75
N GLN C 4 -11.28 5.81 12.24
CA GLN C 4 -12.13 6.74 12.98
C GLN C 4 -12.48 6.20 14.33
N LEU C 5 -13.23 5.09 14.32
CA LEU C 5 -13.69 4.40 15.51
C LEU C 5 -12.56 4.11 16.45
N SER C 6 -11.48 3.60 15.87
CA SER C 6 -10.26 3.23 16.57
C SER C 6 -9.67 4.41 17.34
N ALA C 7 -9.52 5.54 16.68
CA ALA C 7 -8.94 6.74 17.27
C ALA C 7 -9.79 7.36 18.33
N ARG C 8 -11.10 7.23 18.18
CA ARG C 8 -11.99 7.82 19.15
C ARG C 8 -12.15 7.02 20.43
N LEU C 9 -12.14 5.70 20.31
CA LEU C 9 -12.26 4.84 21.47
C LEU C 9 -11.05 4.98 22.36
N GLN C 10 -9.90 5.22 21.76
CA GLN C 10 -8.69 5.41 22.54
C GLN C 10 -8.66 6.81 23.10
N GLU C 11 -9.10 7.83 22.34
CA GLU C 11 -9.09 9.20 22.91
C GLU C 11 -9.86 9.05 24.25
N ALA C 12 -10.96 8.32 24.19
CA ALA C 12 -11.86 8.05 25.32
C ALA C 12 -11.21 7.38 26.50
N ILE C 13 -10.57 6.24 26.25
CA ILE C 13 -9.88 5.45 27.27
C ILE C 13 -8.70 6.29 27.75
N GLY C 14 -8.07 6.98 26.82
CA GLY C 14 -6.91 7.76 27.16
C GLY C 14 -7.11 8.91 28.10
N ARG C 15 -8.28 9.53 28.06
CA ARG C 15 -8.56 10.67 28.93
C ARG C 15 -8.57 10.31 30.40
N LEU C 16 -8.73 9.03 30.69
CA LEU C 16 -8.77 8.54 32.06
C LEU C 16 -7.36 8.11 32.53
N ARG C 17 -6.40 8.13 31.62
CA ARG C 17 -5.05 7.72 31.95
C ARG C 17 -4.32 8.79 32.74
N GLY C 18 -3.75 8.38 33.86
CA GLY C 18 -3.02 9.29 34.70
C GLY C 18 -3.83 10.10 35.70
N ARG C 19 -5.15 9.90 35.73
CA ARG C 19 -5.99 10.66 36.66
C ARG C 19 -6.12 10.13 38.09
N GLY C 20 -5.81 8.85 38.28
CA GLY C 20 -5.94 8.27 39.59
C GLY C 20 -7.40 7.87 39.70
N ARG C 21 -7.89 7.70 40.92
CA ARG C 21 -9.28 7.32 41.16
C ARG C 21 -10.24 8.32 40.49
N ILE C 22 -11.27 7.85 39.79
CA ILE C 22 -12.23 8.75 39.14
C ILE C 22 -13.58 8.76 39.84
N THR C 23 -14.48 9.64 39.42
CA THR C 23 -15.80 9.75 40.06
C THR C 23 -16.88 9.22 39.15
N GLU C 24 -18.05 8.95 39.69
CA GLU C 24 -19.15 8.42 38.89
C GLU C 24 -19.44 9.36 37.73
N GLU C 25 -19.44 10.66 37.99
CA GLU C 25 -19.73 11.62 36.92
C GLU C 25 -18.70 11.55 35.80
N ASP C 26 -17.53 11.03 36.09
CA ASP C 26 -16.49 10.91 35.07
C ASP C 26 -16.80 9.69 34.24
N LEU C 27 -17.23 8.62 34.90
CA LEU C 27 -17.54 7.39 34.22
C LEU C 27 -18.74 7.59 33.35
N LYS C 28 -19.63 8.46 33.80
CA LYS C 28 -20.84 8.72 33.04
C LYS C 28 -20.51 9.39 31.73
N ALA C 29 -19.40 10.12 31.71
CA ALA C 29 -18.96 10.84 30.53
C ALA C 29 -18.23 9.90 29.60
N THR C 30 -17.32 9.13 30.15
CA THR C 30 -16.57 8.19 29.34
C THR C 30 -17.51 7.29 28.56
N LEU C 31 -18.68 7.01 29.15
CA LEU C 31 -19.66 6.14 28.51
C LEU C 31 -20.30 6.85 27.35
N ARG C 32 -20.63 8.12 27.53
CA ARG C 32 -21.23 8.91 26.47
C ARG C 32 -20.26 8.97 25.31
N GLU C 33 -19.00 9.27 25.62
CA GLU C 33 -17.95 9.36 24.62
C GLU C 33 -17.91 8.09 23.78
N ILE C 34 -17.98 6.94 24.43
CA ILE C 34 -17.98 5.66 23.76
C ILE C 34 -19.22 5.46 22.93
N ARG C 35 -20.35 5.86 23.45
CA ARG C 35 -21.60 5.72 22.73
C ARG C 35 -21.54 6.55 21.47
N ARG C 36 -20.94 7.74 21.55
CA ARG C 36 -20.83 8.62 20.39
C ARG C 36 -20.01 7.87 19.37
N ALA C 37 -18.73 7.70 19.67
CA ALA C 37 -17.82 6.99 18.79
C ALA C 37 -18.50 5.91 17.97
N LEU C 38 -19.31 5.07 18.61
CA LEU C 38 -20.01 3.96 17.94
C LEU C 38 -21.10 4.43 17.04
N MET C 39 -21.78 5.49 17.43
CA MET C 39 -22.84 6.00 16.61
C MET C 39 -22.34 6.73 15.40
N ASP C 40 -21.17 7.34 15.49
CA ASP C 40 -20.61 8.07 14.37
C ASP C 40 -19.88 7.09 13.47
N ALA C 41 -19.77 5.84 13.89
CA ALA C 41 -19.10 4.83 13.09
C ALA C 41 -20.09 3.91 12.39
N ASP C 42 -21.35 4.31 12.43
CA ASP C 42 -22.42 3.57 11.80
C ASP C 42 -22.76 2.26 12.48
N VAL C 43 -22.22 2.04 13.67
CA VAL C 43 -22.55 0.82 14.36
C VAL C 43 -24.05 0.81 14.54
N ASN C 44 -24.64 -0.36 14.45
CA ASN C 44 -26.06 -0.51 14.61
C ASN C 44 -26.44 0.03 15.96
N LEU C 45 -27.73 0.26 16.19
CA LEU C 45 -28.22 0.82 17.45
C LEU C 45 -28.40 -0.13 18.61
N GLU C 46 -29.08 -1.27 18.43
CA GLU C 46 -29.24 -2.22 19.52
C GLU C 46 -27.85 -2.77 19.83
N VAL C 47 -26.92 -2.59 18.91
CA VAL C 47 -25.55 -3.03 19.16
C VAL C 47 -24.84 -1.95 19.98
N THR C 48 -24.95 -0.70 19.56
CA THR C 48 -24.31 0.38 20.29
C THR C 48 -24.82 0.41 21.69
N ARG C 49 -26.13 0.17 21.81
CA ARG C 49 -26.86 0.17 23.08
C ARG C 49 -26.33 -0.92 23.99
N ASP C 50 -26.27 -2.14 23.48
CA ASP C 50 -25.77 -3.24 24.28
C ASP C 50 -24.34 -2.99 24.71
N PHE C 51 -23.49 -2.64 23.76
CA PHE C 51 -22.08 -2.37 23.98
C PHE C 51 -21.85 -1.47 25.19
N VAL C 52 -22.48 -0.31 25.23
CA VAL C 52 -22.30 0.62 26.33
C VAL C 52 -22.80 0.05 27.64
N GLU C 53 -23.95 -0.60 27.61
CA GLU C 53 -24.49 -1.15 28.83
C GLU C 53 -23.60 -2.21 29.41
N ARG C 54 -23.04 -3.05 28.56
CA ARG C 54 -22.14 -4.11 29.01
C ARG C 54 -20.87 -3.49 29.58
N VAL C 55 -20.49 -2.31 29.09
CA VAL C 55 -19.29 -1.65 29.59
C VAL C 55 -19.52 -1.05 30.95
N ARG C 56 -20.61 -0.31 31.15
CA ARG C 56 -20.85 0.26 32.48
C ARG C 56 -21.04 -0.84 33.49
N GLU C 57 -21.78 -1.87 33.13
CA GLU C 57 -22.05 -2.98 34.03
C GLU C 57 -20.80 -3.72 34.50
N GLU C 58 -20.01 -4.20 33.54
CA GLU C 58 -18.77 -4.95 33.79
C GLU C 58 -17.73 -4.13 34.51
N ALA C 59 -17.60 -2.87 34.11
CA ALA C 59 -16.66 -1.93 34.70
C ALA C 59 -16.95 -1.67 36.16
N LEU C 60 -18.19 -1.37 36.50
CA LEU C 60 -18.53 -1.16 37.89
C LEU C 60 -18.19 -2.42 38.66
N GLY C 61 -18.48 -3.56 38.05
CA GLY C 61 -18.20 -4.84 38.69
C GLY C 61 -16.73 -5.20 38.85
N LYS C 62 -15.88 -4.35 38.28
CA LYS C 62 -14.43 -4.52 38.34
C LYS C 62 -13.90 -3.42 39.22
N GLN C 63 -14.79 -2.82 40.00
CA GLN C 63 -14.44 -1.74 40.91
C GLN C 63 -13.87 -0.51 40.21
N VAL C 64 -14.51 -0.02 39.16
CA VAL C 64 -14.00 1.13 38.44
C VAL C 64 -13.93 2.37 39.29
N LEU C 65 -15.05 2.75 39.87
CA LEU C 65 -15.11 3.94 40.67
C LEU C 65 -14.21 3.94 41.89
N GLU C 66 -13.49 2.85 42.09
CA GLU C 66 -12.65 2.71 43.26
C GLU C 66 -11.24 2.17 42.94
N SER C 67 -10.96 2.02 41.64
CA SER C 67 -9.67 1.52 41.16
C SER C 67 -8.70 2.66 40.99
N LEU C 68 -7.42 2.37 41.17
CA LEU C 68 -6.37 3.37 41.04
C LEU C 68 -5.96 3.59 39.58
N THR C 69 -6.37 2.67 38.72
CA THR C 69 -6.07 2.72 37.30
C THR C 69 -7.37 2.44 36.54
N PRO C 70 -8.33 3.36 36.61
CA PRO C 70 -9.61 3.23 35.94
C PRO C 70 -9.47 3.08 34.45
N ALA C 71 -8.44 3.69 33.89
CA ALA C 71 -8.23 3.61 32.45
C ALA C 71 -8.14 2.17 32.00
N GLU C 72 -7.24 1.41 32.62
CA GLU C 72 -7.01 0.01 32.28
C GLU C 72 -8.21 -0.89 32.43
N VAL C 73 -9.18 -0.44 33.21
CA VAL C 73 -10.41 -1.20 33.43
C VAL C 73 -11.36 -0.95 32.27
N ILE C 74 -11.41 0.27 31.78
CA ILE C 74 -12.26 0.54 30.65
C ILE C 74 -11.63 -0.17 29.44
N LEU C 75 -10.31 -0.17 29.35
CA LEU C 75 -9.70 -0.83 28.23
C LEU C 75 -10.05 -2.30 28.21
N ALA C 76 -10.05 -2.95 29.37
CA ALA C 76 -10.36 -4.38 29.44
C ALA C 76 -11.80 -4.69 29.11
N THR C 77 -12.63 -3.75 29.47
CA THR C 77 -14.06 -3.83 29.28
C THR C 77 -14.52 -3.57 27.86
N VAL C 78 -13.98 -2.52 27.25
CA VAL C 78 -14.30 -2.14 25.89
C VAL C 78 -13.80 -3.26 24.99
N TYR C 79 -12.66 -3.83 25.36
CA TYR C 79 -12.06 -4.89 24.59
C TYR C 79 -12.98 -6.08 24.51
N GLU C 80 -13.47 -6.54 25.65
CA GLU C 80 -14.38 -7.70 25.68
C GLU C 80 -15.66 -7.33 24.96
N ALA C 81 -16.03 -6.06 25.00
CA ALA C 81 -17.24 -5.58 24.34
C ALA C 81 -17.17 -5.70 22.85
N LEU C 82 -16.03 -5.27 22.27
CA LEU C 82 -15.77 -5.33 20.82
C LEU C 82 -15.80 -6.76 20.35
N LYS C 83 -15.08 -7.62 21.07
CA LYS C 83 -15.03 -9.04 20.78
C LYS C 83 -16.39 -9.63 20.66
N GLU C 84 -17.33 -9.27 21.55
CA GLU C 84 -18.70 -9.84 21.51
C GLU C 84 -19.41 -9.52 20.25
N ALA C 85 -19.35 -8.24 19.89
CA ALA C 85 -19.99 -7.72 18.70
C ALA C 85 -19.43 -8.33 17.44
N LEU C 86 -18.19 -8.77 17.49
CA LEU C 86 -17.56 -9.36 16.34
C LEU C 86 -17.63 -10.87 16.26
N GLY C 87 -18.32 -11.52 17.19
CA GLY C 87 -18.43 -12.97 17.10
C GLY C 87 -17.95 -13.77 18.30
N GLY C 88 -17.13 -13.15 19.13
CA GLY C 88 -16.62 -13.82 20.30
C GLY C 88 -15.37 -14.62 20.04
N GLU C 89 -15.52 -15.89 19.68
CA GLU C 89 -14.37 -16.72 19.44
C GLU C 89 -14.30 -16.86 17.94
N ALA C 90 -13.11 -17.20 17.44
CA ALA C 90 -12.90 -17.38 16.02
C ALA C 90 -13.52 -18.69 15.54
N ARG C 91 -14.51 -18.62 14.69
CA ARG C 91 -15.14 -19.82 14.17
C ARG C 91 -14.69 -20.01 12.72
N LEU C 92 -14.93 -21.20 12.19
CA LEU C 92 -14.57 -21.57 10.82
C LEU C 92 -15.44 -22.73 10.42
N PRO C 93 -15.93 -22.72 9.17
CA PRO C 93 -16.79 -23.81 8.71
C PRO C 93 -16.20 -25.16 9.07
N VAL C 94 -17.08 -26.07 9.52
CA VAL C 94 -16.67 -27.41 9.93
C VAL C 94 -16.60 -28.33 8.69
N LEU C 95 -15.43 -28.91 8.46
CA LEU C 95 -15.21 -29.79 7.31
C LEU C 95 -15.71 -31.22 7.48
N LYS C 96 -15.94 -31.88 6.35
CA LYS C 96 -16.42 -33.25 6.33
C LYS C 96 -15.55 -34.09 5.39
N ASP C 97 -16.15 -35.16 4.85
CA ASP C 97 -15.44 -36.04 3.91
C ASP C 97 -15.70 -35.49 2.52
N ARG C 98 -16.92 -34.99 2.33
CA ARG C 98 -17.30 -34.38 1.05
C ARG C 98 -17.86 -32.99 1.33
N ASN C 99 -17.36 -31.98 0.62
CA ASN C 99 -17.84 -30.64 0.85
C ASN C 99 -18.10 -29.88 -0.42
N LEU C 100 -19.24 -29.20 -0.46
CA LEU C 100 -19.62 -28.38 -1.59
C LEU C 100 -20.15 -27.04 -1.05
N TRP C 101 -19.38 -25.98 -1.27
CA TRP C 101 -19.72 -24.64 -0.85
C TRP C 101 -20.04 -23.76 -2.04
N PHE C 102 -20.82 -22.71 -1.81
CA PHE C 102 -21.22 -21.75 -2.82
C PHE C 102 -20.61 -20.41 -2.43
N LEU C 103 -20.09 -19.66 -3.39
CA LEU C 103 -19.56 -18.33 -3.07
C LEU C 103 -20.49 -17.41 -3.82
N VAL C 104 -21.24 -16.62 -3.07
CA VAL C 104 -22.23 -15.69 -3.64
C VAL C 104 -22.01 -14.22 -3.28
N GLY C 105 -22.51 -13.33 -4.12
CA GLY C 105 -22.38 -11.92 -3.82
C GLY C 105 -22.47 -10.95 -5.00
N LEU C 106 -22.17 -9.69 -4.74
CA LEU C 106 -22.20 -8.73 -5.84
C LEU C 106 -20.88 -8.71 -6.63
N GLN C 107 -20.96 -8.30 -7.89
CA GLN C 107 -19.77 -8.20 -8.71
C GLN C 107 -18.98 -7.04 -8.15
N GLY C 108 -17.70 -7.27 -7.91
CA GLY C 108 -16.85 -6.22 -7.40
C GLY C 108 -16.77 -6.29 -5.91
N SER C 109 -16.91 -7.47 -5.37
CA SER C 109 -16.86 -7.66 -3.94
C SER C 109 -15.67 -8.48 -3.57
N GLY C 110 -14.97 -9.00 -4.57
CA GLY C 110 -13.83 -9.85 -4.29
C GLY C 110 -14.26 -11.32 -4.28
N LYS C 111 -15.42 -11.61 -4.83
CA LYS C 111 -15.92 -12.96 -4.87
C LYS C 111 -14.99 -13.87 -5.67
N THR C 112 -14.78 -13.56 -6.95
CA THR C 112 -13.93 -14.39 -7.81
C THR C 112 -12.53 -14.66 -7.24
N THR C 113 -11.91 -13.59 -6.75
CA THR C 113 -10.60 -13.64 -6.13
C THR C 113 -10.70 -14.50 -4.90
N THR C 114 -11.64 -14.18 -4.00
CA THR C 114 -11.85 -14.96 -2.76
C THR C 114 -12.00 -16.47 -3.01
N ALA C 115 -12.64 -16.82 -4.12
CA ALA C 115 -12.79 -18.23 -4.45
C ALA C 115 -11.41 -18.90 -4.51
N ALA C 116 -10.54 -18.33 -5.35
CA ALA C 116 -9.18 -18.84 -5.54
C ALA C 116 -8.38 -18.78 -4.25
N LYS C 117 -8.31 -17.62 -3.61
CA LYS C 117 -7.54 -17.48 -2.40
C LYS C 117 -7.97 -18.49 -1.36
N LEU C 118 -9.27 -18.78 -1.35
CA LEU C 118 -9.87 -19.73 -0.42
C LEU C 118 -9.37 -21.14 -0.77
N ALA C 119 -9.48 -21.49 -2.05
CA ALA C 119 -9.01 -22.79 -2.55
C ALA C 119 -7.57 -23.01 -2.07
N LEU C 120 -6.67 -22.12 -2.47
CA LEU C 120 -5.28 -22.19 -2.09
C LEU C 120 -5.09 -22.30 -0.58
N TYR C 121 -5.98 -21.68 0.20
CA TYR C 121 -5.88 -21.73 1.66
C TYR C 121 -6.07 -23.16 2.11
N TYR C 122 -7.19 -23.74 1.71
CA TYR C 122 -7.50 -25.09 2.11
C TYR C 122 -6.53 -26.13 1.57
N LYS C 123 -5.96 -25.84 0.40
CA LYS C 123 -4.99 -26.75 -0.19
C LYS C 123 -3.82 -26.80 0.77
N GLY C 124 -3.36 -25.64 1.22
CA GLY C 124 -2.24 -25.61 2.14
C GLY C 124 -2.48 -26.36 3.44
N LYS C 125 -3.68 -26.88 3.63
CA LYS C 125 -4.00 -27.61 4.86
C LYS C 125 -4.40 -29.08 4.65
N GLY C 126 -4.13 -29.59 3.46
CA GLY C 126 -4.44 -30.99 3.18
C GLY C 126 -5.48 -31.30 2.11
N ARG C 127 -6.59 -30.57 2.11
CA ARG C 127 -7.70 -30.80 1.17
C ARG C 127 -7.36 -30.81 -0.33
N ARG C 128 -8.24 -31.43 -1.12
CA ARG C 128 -8.06 -31.49 -2.55
C ARG C 128 -9.22 -30.73 -3.14
N PRO C 129 -9.06 -29.41 -3.30
CA PRO C 129 -10.04 -28.45 -3.84
C PRO C 129 -10.34 -28.55 -5.32
N LEU C 130 -11.53 -28.11 -5.68
CA LEU C 130 -11.97 -28.09 -7.06
C LEU C 130 -12.78 -26.80 -7.24
N LEU C 131 -12.32 -25.88 -8.08
CA LEU C 131 -13.08 -24.65 -8.29
C LEU C 131 -14.09 -24.87 -9.40
N VAL C 132 -15.19 -24.12 -9.38
CA VAL C 132 -16.17 -24.26 -10.44
C VAL C 132 -16.63 -22.87 -10.82
N ALA C 133 -16.38 -22.44 -12.05
CA ALA C 133 -16.83 -21.12 -12.46
C ALA C 133 -18.21 -21.35 -13.03
N ALA C 134 -19.23 -21.13 -12.23
CA ALA C 134 -20.61 -21.36 -12.62
C ALA C 134 -21.42 -20.23 -13.28
N ASP C 135 -20.76 -19.19 -13.79
CA ASP C 135 -21.49 -18.11 -14.43
C ASP C 135 -21.80 -18.58 -15.82
N THR C 136 -23.05 -18.83 -16.13
CA THR C 136 -23.34 -19.29 -17.48
C THR C 136 -23.59 -18.19 -18.47
N GLN C 137 -23.40 -16.94 -18.09
CA GLN C 137 -23.64 -15.85 -19.01
C GLN C 137 -22.40 -15.11 -19.42
N ARG C 138 -21.41 -15.05 -18.53
CA ARG C 138 -20.18 -14.33 -18.85
C ARG C 138 -18.98 -15.20 -19.01
N PRO C 139 -18.63 -15.51 -20.25
CA PRO C 139 -17.45 -16.36 -20.44
C PRO C 139 -16.29 -15.63 -19.78
N ALA C 140 -16.19 -14.34 -20.10
CA ALA C 140 -15.13 -13.49 -19.59
C ALA C 140 -14.92 -13.70 -18.10
N ALA C 141 -16.02 -13.88 -17.40
CA ALA C 141 -15.97 -14.09 -15.97
C ALA C 141 -15.25 -15.41 -15.71
N ARG C 142 -15.81 -16.48 -16.24
CA ARG C 142 -15.21 -17.78 -16.04
C ARG C 142 -13.71 -17.75 -16.26
N GLU C 143 -13.27 -17.14 -17.36
CA GLU C 143 -11.85 -17.07 -17.74
C GLU C 143 -10.99 -16.58 -16.58
N GLN C 144 -11.51 -15.58 -15.88
CA GLN C 144 -10.81 -15.01 -14.76
C GLN C 144 -10.51 -16.05 -13.68
N LEU C 145 -11.51 -16.86 -13.38
CA LEU C 145 -11.32 -17.86 -12.35
C LEU C 145 -10.34 -18.88 -12.86
N ARG C 146 -10.49 -19.27 -14.13
CA ARG C 146 -9.62 -20.27 -14.71
C ARG C 146 -8.16 -19.93 -14.45
N LEU C 147 -7.80 -18.71 -14.81
CA LEU C 147 -6.44 -18.27 -14.63
C LEU C 147 -6.02 -18.29 -13.16
N LEU C 148 -6.91 -17.82 -12.30
CA LEU C 148 -6.62 -17.78 -10.88
C LEU C 148 -6.39 -19.18 -10.33
N GLY C 149 -7.11 -20.16 -10.85
CA GLY C 149 -6.93 -21.51 -10.38
C GLY C 149 -5.55 -22.00 -10.79
N GLU C 150 -5.19 -21.75 -12.04
CA GLU C 150 -3.89 -22.17 -12.56
C GLU C 150 -2.75 -21.63 -11.74
N LYS C 151 -2.90 -20.39 -11.27
CA LYS C 151 -1.85 -19.77 -10.49
C LYS C 151 -1.71 -20.44 -9.11
N VAL C 152 -2.83 -20.69 -8.42
CA VAL C 152 -2.77 -21.33 -7.10
C VAL C 152 -2.62 -22.85 -7.20
N GLY C 153 -2.67 -23.37 -8.42
CA GLY C 153 -2.52 -24.79 -8.58
C GLY C 153 -3.70 -25.62 -8.17
N VAL C 154 -4.89 -25.20 -8.60
CA VAL C 154 -6.12 -25.92 -8.31
C VAL C 154 -6.87 -26.07 -9.61
N PRO C 155 -7.51 -27.21 -9.80
CA PRO C 155 -8.25 -27.44 -11.04
C PRO C 155 -9.52 -26.60 -11.07
N VAL C 156 -10.00 -26.34 -12.27
CA VAL C 156 -11.20 -25.52 -12.44
C VAL C 156 -12.15 -26.14 -13.46
N LEU C 157 -13.43 -26.17 -13.13
CA LEU C 157 -14.41 -26.71 -14.07
C LEU C 157 -15.26 -25.52 -14.53
N GLU C 158 -15.16 -25.14 -15.81
CA GLU C 158 -15.97 -24.02 -16.30
C GLU C 158 -17.27 -24.61 -16.74
N VAL C 159 -18.38 -23.94 -16.44
CA VAL C 159 -19.67 -24.44 -16.92
C VAL C 159 -19.75 -23.89 -18.34
N MET C 160 -20.78 -24.30 -19.07
CA MET C 160 -20.90 -23.87 -20.46
C MET C 160 -22.06 -22.94 -20.67
N ASP C 161 -21.95 -22.09 -21.67
CA ASP C 161 -23.02 -21.15 -21.95
C ASP C 161 -24.34 -21.89 -21.93
N GLY C 162 -25.29 -21.34 -21.18
CA GLY C 162 -26.62 -21.91 -21.02
C GLY C 162 -26.76 -23.29 -20.38
N GLU C 163 -25.69 -23.84 -19.84
CA GLU C 163 -25.83 -25.15 -19.24
C GLU C 163 -26.90 -25.17 -18.16
N SER C 164 -27.59 -26.30 -18.05
CA SER C 164 -28.64 -26.44 -17.06
C SER C 164 -28.06 -26.86 -15.71
N PRO C 165 -28.72 -26.46 -14.59
CA PRO C 165 -28.24 -26.82 -13.26
C PRO C 165 -28.10 -28.32 -13.07
N GLU C 166 -29.07 -29.07 -13.58
CA GLU C 166 -28.99 -30.52 -13.42
C GLU C 166 -27.78 -31.07 -14.16
N SER C 167 -27.41 -30.46 -15.29
CA SER C 167 -26.24 -30.92 -16.03
C SER C 167 -24.99 -30.69 -15.22
N ILE C 168 -24.88 -29.47 -14.71
CA ILE C 168 -23.73 -29.06 -13.90
C ILE C 168 -23.58 -30.02 -12.74
N ARG C 169 -24.69 -30.32 -12.08
CA ARG C 169 -24.67 -31.25 -10.94
C ARG C 169 -23.86 -32.49 -11.32
N ARG C 170 -24.23 -33.08 -12.45
CA ARG C 170 -23.60 -34.30 -12.92
C ARG C 170 -22.11 -34.09 -13.17
N ARG C 171 -21.81 -33.21 -14.12
CA ARG C 171 -20.43 -32.90 -14.51
C ARG C 171 -19.49 -32.65 -13.34
N VAL C 172 -20.00 -31.93 -12.35
CA VAL C 172 -19.23 -31.56 -11.15
C VAL C 172 -18.93 -32.74 -10.22
N GLU C 173 -19.99 -33.37 -9.72
CA GLU C 173 -19.85 -34.49 -8.77
C GLU C 173 -19.18 -35.71 -9.38
N GLU C 174 -19.00 -35.67 -10.70
CA GLU C 174 -18.34 -36.75 -11.43
C GLU C 174 -16.85 -36.48 -11.48
N LYS C 175 -16.49 -35.21 -11.71
CA LYS C 175 -15.09 -34.82 -11.75
C LYS C 175 -14.50 -34.90 -10.34
N ALA C 176 -15.30 -34.49 -9.35
CA ALA C 176 -14.84 -34.50 -7.97
C ALA C 176 -14.56 -35.94 -7.54
N ARG C 177 -15.45 -36.81 -7.97
CA ARG C 177 -15.37 -38.24 -7.66
C ARG C 177 -14.12 -38.88 -8.28
N LEU C 178 -14.00 -38.77 -9.60
CA LEU C 178 -12.88 -39.35 -10.33
C LEU C 178 -11.54 -38.83 -9.87
N GLU C 179 -11.47 -37.53 -9.66
CA GLU C 179 -10.22 -36.90 -9.25
C GLU C 179 -9.98 -36.84 -7.74
N ALA C 180 -10.99 -37.23 -6.97
CA ALA C 180 -10.88 -37.25 -5.50
C ALA C 180 -10.70 -35.87 -4.89
N ARG C 181 -11.70 -35.00 -5.11
CA ARG C 181 -11.71 -33.63 -4.59
C ARG C 181 -12.69 -33.56 -3.41
N ASP C 182 -12.18 -33.26 -2.22
CA ASP C 182 -13.07 -33.22 -1.07
C ASP C 182 -13.60 -31.85 -0.70
N LEU C 183 -13.24 -30.82 -1.49
CA LEU C 183 -13.67 -29.45 -1.25
C LEU C 183 -14.01 -28.79 -2.59
N ILE C 184 -15.29 -28.51 -2.80
CA ILE C 184 -15.71 -27.91 -4.06
C ILE C 184 -16.12 -26.45 -3.86
N LEU C 185 -15.37 -25.52 -4.44
CA LEU C 185 -15.70 -24.12 -4.29
C LEU C 185 -16.38 -23.63 -5.54
N VAL C 186 -17.68 -23.35 -5.46
CA VAL C 186 -18.43 -22.85 -6.61
C VAL C 186 -18.56 -21.32 -6.58
N ASP C 187 -17.96 -20.66 -7.58
CA ASP C 187 -18.02 -19.19 -7.72
C ASP C 187 -19.26 -18.93 -8.53
N THR C 188 -20.32 -18.47 -7.86
CA THR C 188 -21.59 -18.20 -8.53
C THR C 188 -21.58 -16.93 -9.37
N ALA C 189 -22.60 -16.72 -10.18
CA ALA C 189 -22.67 -15.52 -11.02
C ALA C 189 -22.63 -14.25 -10.19
N GLY C 190 -22.03 -13.19 -10.72
CA GLY C 190 -21.96 -11.94 -9.99
C GLY C 190 -22.31 -10.74 -10.84
N ARG C 191 -23.18 -9.85 -10.37
CA ARG C 191 -23.55 -8.66 -11.12
C ARG C 191 -23.58 -7.44 -10.21
N LEU C 192 -23.73 -6.25 -10.77
CA LEU C 192 -23.70 -5.02 -9.99
C LEU C 192 -24.96 -4.59 -9.26
N GLN C 193 -26.05 -5.36 -9.41
CA GLN C 193 -27.32 -5.06 -8.76
C GLN C 193 -28.02 -6.36 -8.53
N ILE C 194 -29.13 -6.34 -7.81
CA ILE C 194 -29.88 -7.55 -7.57
C ILE C 194 -31.00 -7.68 -8.62
N ASP C 195 -30.97 -8.74 -9.42
CA ASP C 195 -32.03 -8.94 -10.42
C ASP C 195 -32.72 -10.27 -10.19
N GLU C 196 -34.05 -10.26 -10.26
CA GLU C 196 -34.86 -11.45 -10.02
C GLU C 196 -34.46 -12.69 -10.78
N PRO C 197 -34.39 -12.60 -12.13
CA PRO C 197 -34.00 -13.77 -12.91
C PRO C 197 -32.79 -14.53 -12.33
N LEU C 198 -31.66 -13.85 -12.14
CA LEU C 198 -30.47 -14.49 -11.59
C LEU C 198 -30.62 -14.95 -10.16
N MET C 199 -31.29 -14.18 -9.30
CA MET C 199 -31.48 -14.60 -7.90
C MET C 199 -32.26 -15.90 -7.94
N GLY C 200 -33.14 -16.02 -8.94
CA GLY C 200 -33.94 -17.21 -9.12
C GLY C 200 -33.12 -18.41 -9.60
N GLU C 201 -32.29 -18.19 -10.62
CA GLU C 201 -31.44 -19.24 -11.17
C GLU C 201 -30.48 -19.72 -10.11
N LEU C 202 -30.03 -18.76 -9.30
CA LEU C 202 -29.10 -19.01 -8.21
C LEU C 202 -29.80 -19.87 -7.14
N ALA C 203 -31.01 -19.49 -6.80
CA ALA C 203 -31.77 -20.26 -5.83
C ALA C 203 -31.83 -21.73 -6.29
N ARG C 204 -32.28 -21.93 -7.54
CA ARG C 204 -32.40 -23.27 -8.12
C ARG C 204 -31.09 -24.05 -8.10
N LEU C 205 -29.98 -23.37 -8.43
CA LEU C 205 -28.68 -24.01 -8.43
C LEU C 205 -28.34 -24.57 -7.07
N LYS C 206 -28.77 -23.87 -6.03
CA LYS C 206 -28.57 -24.33 -4.64
C LYS C 206 -29.53 -25.52 -4.41
N GLU C 207 -30.79 -25.34 -4.85
CA GLU C 207 -31.81 -26.39 -4.73
C GLU C 207 -31.18 -27.66 -5.30
N VAL C 208 -30.67 -27.57 -6.52
CA VAL C 208 -30.04 -28.70 -7.20
C VAL C 208 -28.71 -29.19 -6.66
N LEU C 209 -27.69 -28.34 -6.58
CA LEU C 209 -26.39 -28.79 -6.11
C LEU C 209 -26.37 -29.17 -4.65
N GLY C 210 -27.25 -28.57 -3.86
CA GLY C 210 -27.27 -28.89 -2.44
C GLY C 210 -25.95 -28.57 -1.75
N PRO C 211 -25.59 -27.28 -1.68
CA PRO C 211 -24.35 -26.84 -1.04
C PRO C 211 -24.46 -27.04 0.45
N ASP C 212 -23.32 -27.33 1.09
CA ASP C 212 -23.22 -27.53 2.54
C ASP C 212 -23.05 -26.21 3.28
N GLU C 213 -22.54 -25.20 2.58
CA GLU C 213 -22.29 -23.87 3.14
C GLU C 213 -22.41 -22.88 2.00
N VAL C 214 -22.97 -21.71 2.27
CA VAL C 214 -23.09 -20.70 1.26
C VAL C 214 -22.49 -19.48 1.90
N LEU C 215 -21.25 -19.17 1.50
CA LEU C 215 -20.50 -18.02 2.00
C LEU C 215 -20.81 -16.76 1.18
N LEU C 216 -21.16 -15.69 1.88
CA LEU C 216 -21.49 -14.43 1.24
C LEU C 216 -20.28 -13.53 1.33
N VAL C 217 -19.86 -12.98 0.19
CA VAL C 217 -18.73 -12.06 0.18
C VAL C 217 -19.25 -10.63 0.09
N LEU C 218 -18.82 -9.79 1.05
CA LEU C 218 -19.27 -8.41 1.14
C LEU C 218 -18.11 -7.47 1.25
N ASP C 219 -18.11 -6.45 0.42
CA ASP C 219 -17.06 -5.48 0.40
C ASP C 219 -17.23 -4.54 1.57
N ALA C 220 -16.40 -4.68 2.58
CA ALA C 220 -16.52 -3.85 3.76
C ALA C 220 -16.61 -2.35 3.52
N MET C 221 -15.93 -1.87 2.48
CA MET C 221 -15.93 -0.45 2.20
C MET C 221 -17.26 0.16 1.76
N THR C 222 -18.26 -0.69 1.52
CA THR C 222 -19.59 -0.22 1.11
C THR C 222 -20.49 0.12 2.31
N GLY C 223 -19.91 0.19 3.50
CA GLY C 223 -20.71 0.54 4.66
C GLY C 223 -21.99 -0.24 4.84
N GLN C 224 -23.04 0.43 5.31
CA GLN C 224 -24.31 -0.23 5.57
C GLN C 224 -24.82 -0.99 4.37
N GLU C 225 -24.58 -0.46 3.18
CA GLU C 225 -25.04 -1.10 1.95
C GLU C 225 -24.76 -2.61 1.98
N ALA C 226 -23.71 -3.01 2.66
CA ALA C 226 -23.31 -4.40 2.76
C ALA C 226 -24.30 -5.19 3.55
N LEU C 227 -24.82 -4.60 4.60
CA LEU C 227 -25.79 -5.31 5.38
C LEU C 227 -27.10 -5.52 4.65
N SER C 228 -27.42 -4.65 3.69
CA SER C 228 -28.66 -4.80 2.90
C SER C 228 -28.51 -5.94 1.94
N VAL C 229 -27.36 -6.01 1.26
CA VAL C 229 -27.08 -7.09 0.33
C VAL C 229 -27.17 -8.41 1.09
N ALA C 230 -26.65 -8.45 2.30
CA ALA C 230 -26.71 -9.69 3.07
C ALA C 230 -28.17 -10.05 3.25
N ARG C 231 -28.99 -9.06 3.58
CA ARG C 231 -30.41 -9.29 3.75
C ARG C 231 -30.98 -9.87 2.48
N ALA C 232 -30.72 -9.24 1.33
CA ALA C 232 -31.20 -9.72 0.03
C ALA C 232 -30.83 -11.16 -0.25
N PHE C 233 -29.57 -11.56 -0.12
CA PHE C 233 -29.24 -12.95 -0.38
C PHE C 233 -29.80 -13.97 0.60
N ASP C 234 -29.81 -13.72 1.91
CA ASP C 234 -30.35 -14.73 2.83
C ASP C 234 -31.85 -14.86 2.55
N GLU C 235 -32.49 -13.72 2.33
CA GLU C 235 -33.92 -13.67 2.04
C GLU C 235 -34.26 -14.54 0.80
N LYS C 236 -33.40 -14.56 -0.22
CA LYS C 236 -33.68 -15.31 -1.47
C LYS C 236 -32.92 -16.62 -1.77
N VAL C 237 -31.76 -16.79 -1.20
CA VAL C 237 -30.99 -17.98 -1.44
C VAL C 237 -30.79 -18.71 -0.12
N GLY C 238 -30.12 -18.05 0.82
CA GLY C 238 -29.87 -18.68 2.10
C GLY C 238 -28.37 -18.71 2.35
N VAL C 239 -27.90 -17.72 3.07
CA VAL C 239 -26.49 -17.57 3.37
C VAL C 239 -26.15 -18.29 4.66
N THR C 240 -24.97 -18.90 4.77
CA THR C 240 -24.59 -19.57 6.02
C THR C 240 -23.37 -18.98 6.72
N GLY C 241 -22.72 -18.02 6.07
CA GLY C 241 -21.55 -17.39 6.65
C GLY C 241 -21.11 -16.19 5.85
N LEU C 242 -20.14 -15.45 6.39
CA LEU C 242 -19.67 -14.25 5.72
C LEU C 242 -18.15 -14.16 5.48
N VAL C 243 -17.77 -13.43 4.44
CA VAL C 243 -16.36 -13.17 4.12
C VAL C 243 -16.31 -11.67 3.84
N LEU C 244 -15.65 -10.91 4.69
CA LEU C 244 -15.61 -9.47 4.49
C LEU C 244 -14.30 -9.04 3.87
N THR C 245 -14.40 -8.34 2.76
CA THR C 245 -13.24 -7.87 2.03
C THR C 245 -12.96 -6.38 2.13
N LYS C 246 -11.80 -5.98 1.62
CA LYS C 246 -11.35 -4.59 1.60
C LYS C 246 -11.53 -4.00 2.97
N LEU C 247 -11.44 -4.84 3.98
CA LEU C 247 -11.64 -4.39 5.36
C LEU C 247 -10.64 -3.36 5.79
N ASP C 248 -9.50 -3.33 5.12
CA ASP C 248 -8.47 -2.38 5.47
C ASP C 248 -8.77 -1.01 4.86
N GLY C 249 -9.86 -0.92 4.11
CA GLY C 249 -10.24 0.35 3.51
C GLY C 249 -11.48 1.00 4.12
N ASP C 250 -12.06 0.36 5.15
CA ASP C 250 -13.23 0.87 5.86
C ASP C 250 -12.66 1.68 7.01
N ALA C 251 -13.17 2.87 7.25
CA ALA C 251 -12.65 3.68 8.35
C ALA C 251 -13.60 3.67 9.52
N ARG C 252 -14.82 3.19 9.27
CA ARG C 252 -15.85 3.14 10.30
C ARG C 252 -15.92 1.78 10.98
N GLY C 253 -16.28 0.75 10.23
CA GLY C 253 -16.36 -0.57 10.81
C GLY C 253 -17.75 -0.88 11.31
N GLY C 254 -18.65 0.07 11.13
CA GLY C 254 -20.02 -0.10 11.56
C GLY C 254 -20.68 -1.35 11.00
N ALA C 255 -20.29 -1.76 9.81
CA ALA C 255 -20.89 -2.94 9.23
C ALA C 255 -20.26 -4.21 9.79
N ALA C 256 -18.99 -4.16 10.13
CA ALA C 256 -18.34 -5.35 10.63
C ALA C 256 -18.77 -5.54 12.05
N LEU C 257 -18.87 -4.44 12.79
CA LEU C 257 -19.29 -4.51 14.17
C LEU C 257 -20.77 -4.89 14.30
N SER C 258 -21.57 -4.72 13.25
CA SER C 258 -22.98 -5.06 13.32
C SER C 258 -23.40 -6.29 12.55
N ALA C 259 -22.50 -6.83 11.76
CA ALA C 259 -22.82 -7.99 10.95
C ALA C 259 -23.37 -9.17 11.72
N ARG C 260 -22.83 -9.44 12.91
CA ARG C 260 -23.32 -10.58 13.70
C ARG C 260 -24.77 -10.40 14.14
N HIS C 261 -25.06 -9.29 14.80
CA HIS C 261 -26.41 -9.03 15.26
C HIS C 261 -27.45 -8.90 14.16
N VAL C 262 -27.13 -8.07 13.17
CA VAL C 262 -28.03 -7.80 12.06
C VAL C 262 -28.29 -8.95 11.12
N THR C 263 -27.27 -9.74 10.79
CA THR C 263 -27.47 -10.84 9.86
C THR C 263 -27.60 -12.17 10.57
N GLY C 264 -26.99 -12.27 11.74
CA GLY C 264 -27.08 -13.53 12.46
C GLY C 264 -26.14 -14.59 11.95
N LYS C 265 -25.48 -14.32 10.83
CA LYS C 265 -24.54 -15.27 10.26
C LYS C 265 -23.17 -14.85 10.78
N PRO C 266 -22.23 -15.79 10.91
CA PRO C 266 -20.90 -15.47 11.40
C PRO C 266 -19.94 -15.02 10.32
N ILE C 267 -18.78 -14.50 10.73
CA ILE C 267 -17.74 -14.09 9.79
C ILE C 267 -16.67 -15.18 9.84
N TYR C 268 -16.42 -15.82 8.71
CA TYR C 268 -15.42 -16.89 8.64
C TYR C 268 -14.08 -16.35 8.23
N PHE C 269 -14.00 -15.78 7.03
CA PHE C 269 -12.74 -15.22 6.58
C PHE C 269 -12.83 -13.72 6.33
N ALA C 270 -11.73 -13.03 6.48
CA ALA C 270 -11.73 -11.59 6.27
C ALA C 270 -10.47 -11.17 5.61
N GLY C 271 -10.61 -10.46 4.50
CA GLY C 271 -9.47 -9.95 3.79
C GLY C 271 -8.94 -8.76 4.57
N VAL C 272 -7.65 -8.82 4.94
CA VAL C 272 -7.00 -7.74 5.70
C VAL C 272 -5.94 -7.00 4.86
N SER C 273 -5.69 -7.51 3.66
CA SER C 273 -4.73 -6.96 2.69
C SER C 273 -4.86 -7.81 1.41
N GLU C 274 -4.29 -7.32 0.31
CA GLU C 274 -4.42 -8.04 -0.96
C GLU C 274 -3.36 -9.10 -1.22
N LYS C 275 -2.70 -9.57 -0.15
CA LYS C 275 -1.67 -10.62 -0.22
C LYS C 275 -2.33 -11.99 -0.24
N PRO C 276 -1.60 -13.03 -0.68
CA PRO C 276 -2.18 -14.39 -0.72
C PRO C 276 -2.54 -14.85 0.70
N GLU C 277 -1.63 -14.50 1.62
CA GLU C 277 -1.75 -14.80 3.05
C GLU C 277 -2.56 -13.66 3.69
N GLY C 278 -3.05 -12.75 2.82
CA GLY C 278 -3.83 -11.58 3.22
C GLY C 278 -5.29 -11.89 3.54
N LEU C 279 -5.80 -12.99 2.98
CA LEU C 279 -7.15 -13.46 3.26
C LEU C 279 -6.96 -14.47 4.39
N GLU C 280 -7.14 -14.03 5.63
CA GLU C 280 -6.96 -14.94 6.73
C GLU C 280 -8.31 -15.32 7.36
N PRO C 281 -8.32 -16.31 8.26
CA PRO C 281 -9.55 -16.73 8.93
C PRO C 281 -9.83 -15.62 9.94
N PHE C 282 -11.06 -15.12 9.98
CA PHE C 282 -11.39 -14.01 10.87
C PHE C 282 -11.29 -14.24 12.37
N TYR C 283 -10.49 -13.46 13.07
CA TYR C 283 -10.38 -13.62 14.51
C TYR C 283 -10.93 -12.39 15.24
N PRO C 284 -12.08 -12.50 15.88
CA PRO C 284 -12.60 -11.34 16.59
C PRO C 284 -11.55 -10.78 17.50
N GLU C 285 -11.00 -11.63 18.35
CA GLU C 285 -9.98 -11.24 19.31
C GLU C 285 -8.87 -10.34 18.75
N ARG C 286 -8.46 -10.61 17.53
CA ARG C 286 -7.40 -9.81 16.96
C ARG C 286 -7.92 -8.47 16.51
N LEU C 287 -8.97 -8.48 15.71
CA LEU C 287 -9.53 -7.25 15.20
C LEU C 287 -9.85 -6.34 16.38
N ALA C 288 -10.42 -6.89 17.44
CA ALA C 288 -10.73 -6.10 18.62
C ALA C 288 -9.47 -5.53 19.25
N GLY C 289 -8.39 -6.29 19.27
CA GLY C 289 -7.16 -5.81 19.85
C GLY C 289 -6.60 -4.64 19.07
N ARG C 290 -6.57 -4.79 17.75
CA ARG C 290 -6.07 -3.75 16.88
C ARG C 290 -6.92 -2.49 17.01
N ILE C 291 -8.24 -2.61 17.05
CA ILE C 291 -9.06 -1.44 17.21
C ILE C 291 -8.68 -0.73 18.49
N LEU C 292 -8.14 -1.42 19.49
CA LEU C 292 -7.73 -0.73 20.72
C LEU C 292 -6.23 -0.43 20.78
N GLY C 293 -5.51 -0.77 19.73
CA GLY C 293 -4.10 -0.44 19.70
C GLY C 293 -3.10 -1.51 20.01
N MET C 294 -3.51 -2.73 20.17
CA MET C 294 -2.55 -3.74 20.50
C MET C 294 -2.23 -4.62 19.35
N GLY C 295 -0.99 -4.57 18.90
CA GLY C 295 -0.58 -5.43 17.82
C GLY C 295 -1.26 -5.07 16.53
N ASP C 296 -1.47 -3.77 16.32
CA ASP C 296 -2.07 -3.34 15.06
C ASP C 296 -0.84 -3.05 14.21
N VAL C 297 -1.00 -3.18 12.91
CA VAL C 297 0.08 -2.95 11.99
C VAL C 297 -0.44 -1.85 11.09
N ALA C 298 0.27 -0.73 11.03
CA ALA C 298 -0.16 0.37 10.17
C ALA C 298 -0.46 -0.18 8.78
N SER C 299 -1.57 0.25 8.19
CA SER C 299 -1.93 -0.19 6.85
C SER C 299 -1.24 0.70 5.82
N LEU C 300 -1.75 0.68 4.60
CA LEU C 300 -1.22 1.51 3.52
C LEU C 300 -1.67 2.96 3.74
N ALA C 301 -2.97 3.13 3.97
CA ALA C 301 -3.58 4.44 4.20
C ALA C 301 -3.09 5.03 5.51
N GLU C 302 -3.32 4.30 6.60
CA GLU C 302 -2.90 4.74 7.92
C GLU C 302 -1.53 5.44 7.83
N LYS C 303 -0.60 4.87 7.07
CA LYS C 303 0.75 5.44 6.90
C LYS C 303 0.67 6.78 6.20
N VAL C 304 0.12 6.77 4.99
CA VAL C 304 -0.03 7.97 4.19
C VAL C 304 -0.90 9.02 4.88
N ARG C 305 -1.70 8.58 5.85
CA ARG C 305 -2.56 9.49 6.59
C ARG C 305 -1.80 10.22 7.73
N ALA C 306 -0.80 9.55 8.29
CA ALA C 306 0.00 10.13 9.38
C ALA C 306 1.16 11.00 8.88
N ALA C 307 1.74 10.67 7.72
CA ALA C 307 2.85 11.46 7.14
C ALA C 307 2.35 12.42 6.07
N GLU C 319 -25.04 19.01 -6.12
CA GLU C 319 -25.98 18.00 -6.71
C GLU C 319 -25.93 16.71 -5.87
N LEU C 320 -27.07 16.04 -5.72
CA LEU C 320 -27.22 14.81 -4.91
C LEU C 320 -27.17 13.47 -5.69
N SER C 321 -27.52 12.40 -4.98
CA SER C 321 -27.55 11.06 -5.56
C SER C 321 -28.49 10.18 -4.75
N LEU C 322 -29.26 9.34 -5.42
CA LEU C 322 -30.22 8.48 -4.73
C LEU C 322 -29.58 7.75 -3.54
N GLU C 323 -28.32 7.34 -3.70
CA GLU C 323 -27.56 6.66 -2.66
C GLU C 323 -27.50 7.54 -1.42
N ASP C 324 -27.24 8.83 -1.65
CA ASP C 324 -27.13 9.83 -0.60
C ASP C 324 -28.48 10.10 0.06
N PHE C 325 -29.53 10.17 -0.76
CA PHE C 325 -30.88 10.42 -0.27
C PHE C 325 -31.21 9.35 0.76
N LEU C 326 -31.21 8.09 0.31
CA LEU C 326 -31.48 6.95 1.17
C LEU C 326 -30.68 7.06 2.44
N LYS C 327 -29.40 7.29 2.29
CA LYS C 327 -28.52 7.41 3.42
C LYS C 327 -28.95 8.49 4.40
N GLN C 328 -29.32 9.68 3.92
CA GLN C 328 -29.74 10.76 4.84
C GLN C 328 -30.97 10.40 5.66
N MET C 329 -31.85 9.58 5.08
CA MET C 329 -33.04 9.14 5.81
C MET C 329 -32.60 8.17 6.89
N GLN C 330 -31.63 7.32 6.57
CA GLN C 330 -31.12 6.36 7.53
C GLN C 330 -30.50 7.15 8.69
N ASN C 331 -29.65 8.12 8.38
CA ASN C 331 -29.02 8.93 9.43
C ASN C 331 -30.03 9.69 10.27
N LEU C 332 -31.15 10.07 9.69
CA LEU C 332 -32.16 10.79 10.45
C LEU C 332 -32.79 9.85 11.44
N LYS C 333 -33.33 8.73 10.95
CA LYS C 333 -33.98 7.72 11.80
C LYS C 333 -33.09 7.34 12.99
N ARG C 334 -31.78 7.37 12.76
CA ARG C 334 -30.80 7.03 13.77
C ARG C 334 -30.60 8.13 14.84
N LEU C 335 -30.95 9.36 14.51
CA LEU C 335 -30.80 10.45 15.47
C LEU C 335 -32.03 10.62 16.34
N GLY C 336 -32.79 9.53 16.49
CA GLY C 336 -34.00 9.53 17.30
C GLY C 336 -35.06 10.48 16.77
N PRO C 337 -36.26 10.51 17.41
CA PRO C 337 -37.39 11.38 17.03
C PRO C 337 -37.16 12.86 17.39
N PHE C 338 -37.63 13.75 16.52
CA PHE C 338 -37.47 15.19 16.76
C PHE C 338 -38.71 15.83 17.38
N SER C 339 -39.04 15.34 18.56
CA SER C 339 -40.19 15.81 19.31
C SER C 339 -40.27 17.34 19.42
N GLU C 340 -39.15 17.97 19.76
CA GLU C 340 -39.08 19.42 19.93
C GLU C 340 -39.30 20.22 18.65
N ILE C 341 -38.64 19.80 17.56
CA ILE C 341 -38.79 20.47 16.27
C ILE C 341 -40.22 20.32 15.79
N LEU C 342 -40.87 19.26 16.23
CA LEU C 342 -42.24 19.03 15.86
C LEU C 342 -43.11 19.78 16.87
N GLY C 343 -42.50 20.24 17.96
CA GLY C 343 -43.22 20.97 18.99
C GLY C 343 -43.83 22.25 18.44
N LEU C 344 -43.23 22.76 17.37
CA LEU C 344 -43.70 23.99 16.71
C LEU C 344 -44.91 23.69 15.82
N LEU C 345 -44.80 22.59 15.06
CA LEU C 345 -45.86 22.15 14.16
C LEU C 345 -46.82 21.22 14.90
N PRO C 346 -48.08 21.64 15.09
CA PRO C 346 -49.02 20.75 15.78
C PRO C 346 -49.29 19.41 15.06
N GLY C 347 -48.30 18.94 14.28
CA GLY C 347 -48.42 17.66 13.57
C GLY C 347 -48.47 16.53 14.60
N VAL C 348 -49.08 15.39 14.21
CA VAL C 348 -49.24 14.26 15.11
C VAL C 348 -47.94 13.79 15.82
N PRO C 349 -47.99 13.66 17.16
CA PRO C 349 -46.75 13.22 17.84
C PRO C 349 -46.34 11.81 17.40
N GLN C 350 -45.03 11.57 17.37
CA GLN C 350 -44.47 10.27 16.93
C GLN C 350 -44.56 10.11 15.42
N GLY C 351 -44.09 11.13 14.67
CA GLY C 351 -44.08 11.09 13.21
C GLY C 351 -43.29 9.88 12.68
N LEU C 352 -43.36 8.77 13.43
CA LEU C 352 -42.70 7.49 13.16
C LEU C 352 -43.33 6.68 11.99
N LYS C 353 -43.70 7.36 10.90
CA LYS C 353 -44.22 6.67 9.72
C LYS C 353 -42.98 5.93 9.22
N VAL C 354 -41.84 6.39 9.74
CA VAL C 354 -40.53 5.87 9.44
C VAL C 354 -40.14 4.68 10.32
N ASP C 355 -40.92 3.61 10.30
CA ASP C 355 -40.58 2.45 11.09
C ASP C 355 -39.54 1.68 10.28
N GLU C 356 -38.60 1.06 10.97
CA GLU C 356 -37.51 0.31 10.34
C GLU C 356 -37.89 -0.53 9.13
N LYS C 357 -39.12 -1.04 9.09
CA LYS C 357 -39.56 -1.87 7.97
C LYS C 357 -39.93 -1.12 6.71
N ALA C 358 -40.24 0.17 6.83
CA ALA C 358 -40.62 0.97 5.68
C ALA C 358 -39.38 1.50 4.95
N ILE C 359 -38.25 1.53 5.64
CA ILE C 359 -37.00 2.01 5.05
C ILE C 359 -36.33 0.89 4.30
N LYS C 360 -36.47 -0.31 4.82
CA LYS C 360 -35.88 -1.48 4.18
C LYS C 360 -36.52 -1.64 2.79
N ARG C 361 -37.80 -1.30 2.69
CA ARG C 361 -38.47 -1.40 1.42
C ARG C 361 -37.67 -0.55 0.44
N LEU C 362 -37.15 0.60 0.91
CA LEU C 362 -36.38 1.52 0.05
C LEU C 362 -34.94 1.06 -0.07
N GLU C 363 -34.40 0.51 1.02
CA GLU C 363 -33.04 0.00 1.02
C GLU C 363 -32.98 -1.04 -0.11
N ALA C 364 -34.11 -1.72 -0.35
CA ALA C 364 -34.23 -2.77 -1.38
C ALA C 364 -34.52 -2.29 -2.78
N ILE C 365 -35.21 -1.18 -2.91
CA ILE C 365 -35.52 -0.66 -4.22
C ILE C 365 -34.23 -0.24 -4.89
N VAL C 366 -33.39 0.46 -4.16
CA VAL C 366 -32.12 0.92 -4.70
C VAL C 366 -31.26 -0.28 -5.08
N LEU C 367 -31.18 -1.24 -4.20
CA LEU C 367 -30.38 -2.42 -4.44
C LEU C 367 -30.65 -3.07 -5.78
N SER C 368 -31.88 -2.99 -6.28
CA SER C 368 -32.20 -3.63 -7.56
C SER C 368 -32.05 -2.73 -8.77
N MET C 369 -31.75 -1.46 -8.48
CA MET C 369 -31.55 -0.45 -9.52
C MET C 369 -30.16 -0.54 -10.04
N THR C 370 -30.01 -0.22 -11.31
CA THR C 370 -28.73 -0.24 -12.00
C THR C 370 -27.86 0.87 -11.44
N PRO C 371 -26.54 0.63 -11.36
CA PRO C 371 -25.63 1.66 -10.84
C PRO C 371 -25.78 3.00 -11.56
N GLU C 372 -26.12 2.95 -12.84
CA GLU C 372 -26.29 4.15 -13.62
C GLU C 372 -27.61 4.79 -13.32
N GLU C 373 -28.60 3.99 -12.96
CA GLU C 373 -29.93 4.49 -12.63
C GLU C 373 -29.86 5.18 -11.28
N ARG C 374 -28.86 4.83 -10.49
CA ARG C 374 -28.72 5.46 -9.18
C ARG C 374 -28.13 6.86 -9.33
N LYS C 375 -27.19 7.01 -10.25
CA LYS C 375 -26.57 8.32 -10.48
C LYS C 375 -27.59 9.29 -11.04
N ASP C 376 -28.54 8.79 -11.84
CA ASP C 376 -29.54 9.67 -12.45
C ASP C 376 -30.85 8.96 -12.69
N PRO C 377 -31.67 8.82 -11.64
CA PRO C 377 -32.97 8.14 -11.74
C PRO C 377 -33.91 8.70 -12.80
N ARG C 378 -33.58 9.87 -13.34
CA ARG C 378 -34.37 10.53 -14.38
C ARG C 378 -34.48 9.66 -15.62
N ILE C 379 -33.36 9.07 -16.01
CA ILE C 379 -33.30 8.19 -17.18
C ILE C 379 -34.30 7.05 -17.05
N LEU C 380 -34.87 6.91 -15.86
CA LEU C 380 -35.82 5.85 -15.62
C LEU C 380 -37.01 5.97 -16.55
N ASN C 381 -37.47 4.81 -17.03
CA ASN C 381 -38.64 4.70 -17.88
C ASN C 381 -39.60 3.75 -17.14
N GLY C 382 -40.75 3.44 -17.73
CA GLY C 382 -41.71 2.56 -17.08
C GLY C 382 -41.43 1.07 -17.10
N SER C 383 -40.77 0.60 -18.16
CA SER C 383 -40.44 -0.82 -18.27
C SER C 383 -39.35 -1.14 -17.25
N ARG C 384 -38.68 -0.09 -16.78
CA ARG C 384 -37.62 -0.18 -15.80
C ARG C 384 -38.24 -0.33 -14.43
N ARG C 385 -39.07 0.64 -14.07
CA ARG C 385 -39.73 0.63 -12.78
C ARG C 385 -40.39 -0.72 -12.60
N LYS C 386 -41.01 -1.22 -13.66
CA LYS C 386 -41.67 -2.50 -13.57
C LYS C 386 -40.65 -3.55 -13.07
N ARG C 387 -39.50 -3.61 -13.76
CA ARG C 387 -38.38 -4.54 -13.44
C ARG C 387 -37.82 -4.34 -12.02
N ILE C 388 -37.57 -3.08 -11.66
CA ILE C 388 -37.04 -2.71 -10.36
C ILE C 388 -38.06 -3.14 -9.32
N ALA C 389 -39.33 -2.83 -9.56
CA ALA C 389 -40.39 -3.18 -8.64
C ALA C 389 -40.39 -4.69 -8.37
N LYS C 390 -40.07 -5.46 -9.40
CA LYS C 390 -40.06 -6.92 -9.30
C LYS C 390 -38.87 -7.43 -8.50
N GLY C 391 -37.67 -6.98 -8.89
CA GLY C 391 -36.46 -7.40 -8.22
C GLY C 391 -36.45 -7.13 -6.73
N SER C 392 -37.00 -6.00 -6.32
CA SER C 392 -37.03 -5.58 -4.92
C SER C 392 -38.13 -6.24 -4.10
N GLY C 393 -39.34 -6.22 -4.62
CA GLY C 393 -40.43 -6.84 -3.88
C GLY C 393 -41.42 -5.77 -3.45
N THR C 394 -41.55 -4.76 -4.31
CA THR C 394 -42.46 -3.65 -4.08
C THR C 394 -43.33 -3.45 -5.33
N SER C 395 -44.15 -2.40 -5.31
CA SER C 395 -45.04 -2.11 -6.42
C SER C 395 -44.49 -0.99 -7.27
N VAL C 396 -44.77 -1.04 -8.56
CA VAL C 396 -44.31 -0.01 -9.47
C VAL C 396 -44.63 1.36 -8.87
N GLN C 397 -45.61 1.40 -7.97
CA GLN C 397 -45.97 2.64 -7.32
C GLN C 397 -44.92 3.09 -6.34
N GLU C 398 -44.66 2.25 -5.32
CA GLU C 398 -43.68 2.58 -4.28
C GLU C 398 -42.38 3.11 -4.86
N VAL C 399 -41.93 2.48 -5.94
CA VAL C 399 -40.70 2.84 -6.61
C VAL C 399 -40.81 4.23 -7.20
N ASN C 400 -41.81 4.44 -8.05
CA ASN C 400 -42.01 5.74 -8.68
C ASN C 400 -42.18 6.86 -7.62
N ARG C 401 -42.90 6.55 -6.55
CA ARG C 401 -43.12 7.49 -5.48
C ARG C 401 -41.78 7.88 -4.82
N PHE C 402 -41.04 6.85 -4.38
CA PHE C 402 -39.72 7.00 -3.74
C PHE C 402 -38.85 7.90 -4.59
N ILE C 403 -38.90 7.70 -5.89
CA ILE C 403 -38.10 8.51 -6.81
C ILE C 403 -38.57 9.94 -6.79
N LYS C 404 -39.88 10.17 -6.85
CA LYS C 404 -40.38 11.53 -6.84
C LYS C 404 -39.99 12.25 -5.57
N ALA C 405 -39.94 11.52 -4.47
CA ALA C 405 -39.55 12.10 -3.19
C ALA C 405 -38.09 12.55 -3.28
N PHE C 406 -37.32 11.82 -4.06
CA PHE C 406 -35.92 12.13 -4.25
C PHE C 406 -35.84 13.38 -5.08
N GLU C 407 -36.31 13.25 -6.31
CA GLU C 407 -36.30 14.33 -7.26
C GLU C 407 -36.66 15.67 -6.60
N GLU C 408 -37.68 15.64 -5.74
CA GLU C 408 -38.13 16.86 -5.07
C GLU C 408 -37.17 17.35 -4.01
N MET C 409 -36.58 16.41 -3.27
CA MET C 409 -35.63 16.79 -2.23
C MET C 409 -34.35 17.31 -2.89
N LYS C 410 -34.01 16.76 -4.04
CA LYS C 410 -32.80 17.18 -4.76
C LYS C 410 -32.95 18.64 -5.18
N ALA C 411 -34.12 18.97 -5.72
CA ALA C 411 -34.41 20.33 -6.15
C ALA C 411 -34.36 21.27 -4.93
N LEU C 412 -35.08 20.93 -3.87
CA LEU C 412 -35.05 21.75 -2.67
C LEU C 412 -33.61 21.88 -2.19
N MET C 413 -32.96 20.74 -2.03
CA MET C 413 -31.58 20.70 -1.57
C MET C 413 -30.73 21.64 -2.43
N LYS C 414 -31.06 21.70 -3.72
CA LYS C 414 -30.33 22.53 -4.68
C LYS C 414 -30.70 24.01 -4.58
N SER C 415 -32.01 24.29 -4.55
CA SER C 415 -32.48 25.67 -4.43
C SER C 415 -31.83 26.30 -3.22
N LEU C 416 -31.99 25.66 -2.07
CA LEU C 416 -31.43 26.18 -0.84
C LEU C 416 -29.92 26.44 -0.85
N GLU C 417 -29.31 26.38 -2.04
CA GLU C 417 -27.88 26.65 -2.17
C GLU C 417 -27.66 28.04 -2.79
N LYS C 418 -28.30 28.28 -3.94
CA LYS C 418 -28.21 29.57 -4.65
C LYS C 418 -28.67 30.72 -3.75
#